data_8W8Z
#
_entry.id   8W8Z
#
_cell.length_a   224.990
_cell.length_b   224.990
_cell.length_c   224.990
_cell.angle_alpha   90.00
_cell.angle_beta   90.00
_cell.angle_gamma   90.00
#
_symmetry.space_group_name_H-M   'I 2 3'
#
loop_
_entity.id
_entity.type
_entity.pdbx_description
1 polymer Bacterioferritin
2 water water
#
_entity_poly.entity_id   1
_entity_poly.type   'polypeptide(L)'
_entity_poly.pdbx_seq_one_letter_code
;MKGDVKIINYLNKLLGNELVAINQYFLHARMFKNWGLMRLNDVEYHESIDEHKHADKYIERILFLEGIPNLQDLGKLGIG
EDVEEMLQSDLALELEGADDLREAIAYADSVHDYVSRDMMIEILADEEGHIDWLETELDLIGKIGLQNYLQSQIKVKD
;
_entity_poly.pdbx_strand_id   A,B,C,D,E,F,G,H
#
# COMPACT_ATOMS: atom_id res chain seq x y z
N MET A 1 -20.77 -31.88 15.49
CA MET A 1 -21.83 -32.86 15.77
C MET A 1 -23.15 -32.11 15.96
N LYS A 2 -24.16 -32.46 15.18
CA LYS A 2 -25.41 -31.69 15.16
C LYS A 2 -26.14 -31.84 16.48
N GLY A 3 -26.36 -30.70 17.17
CA GLY A 3 -27.03 -30.71 18.46
C GLY A 3 -28.53 -30.44 18.36
N ASP A 4 -29.24 -30.74 19.45
CA ASP A 4 -30.66 -30.46 19.50
C ASP A 4 -30.88 -28.95 19.49
N VAL A 5 -31.85 -28.49 18.69
CA VAL A 5 -32.02 -27.05 18.50
C VAL A 5 -32.34 -26.37 19.81
N LYS A 6 -33.29 -26.94 20.58
CA LYS A 6 -33.68 -26.30 21.82
C LYS A 6 -32.55 -26.32 22.85
N ILE A 7 -31.65 -27.31 22.78
CA ILE A 7 -30.45 -27.32 23.61
C ILE A 7 -29.61 -26.08 23.32
N ILE A 8 -29.44 -25.75 22.05
CA ILE A 8 -28.59 -24.61 21.70
C ILE A 8 -29.20 -23.32 22.23
N ASN A 9 -30.53 -23.20 22.20
CA ASN A 9 -31.18 -21.98 22.69
C ASN A 9 -30.98 -21.84 24.20
N TYR A 10 -31.12 -22.93 24.95
CA TYR A 10 -30.89 -22.86 26.39
C TYR A 10 -29.45 -22.47 26.67
N LEU A 11 -28.51 -23.10 25.97
CA LEU A 11 -27.10 -22.78 26.15
C LEU A 11 -26.84 -21.29 25.89
N ASN A 12 -27.48 -20.72 24.86
CA ASN A 12 -27.36 -19.28 24.64
C ASN A 12 -28.05 -18.47 25.74
N LYS A 13 -29.16 -18.96 26.29
CA LYS A 13 -29.78 -18.29 27.42
C LYS A 13 -28.84 -18.25 28.62
N LEU A 14 -28.27 -19.41 28.96
CA LEU A 14 -27.33 -19.50 30.08
C LEU A 14 -26.04 -18.74 29.80
N LEU A 15 -25.58 -18.70 28.55
CA LEU A 15 -24.45 -17.85 28.20
C LEU A 15 -24.78 -16.39 28.49
N GLY A 16 -26.00 -15.97 28.18
CA GLY A 16 -26.36 -14.57 28.38
C GLY A 16 -26.39 -14.20 29.85
N ASN A 17 -26.82 -15.14 30.70
CA ASN A 17 -26.75 -14.92 32.14
C ASN A 17 -25.30 -14.68 32.59
N GLU A 18 -24.37 -15.50 32.11
CA GLU A 18 -22.98 -15.35 32.55
C GLU A 18 -22.40 -14.04 32.06
N LEU A 19 -22.74 -13.61 30.83
CA LEU A 19 -22.23 -12.35 30.33
C LEU A 19 -22.62 -11.17 31.22
N VAL A 20 -23.87 -11.16 31.69
CA VAL A 20 -24.30 -10.17 32.68
C VAL A 20 -23.50 -10.29 33.97
N ALA A 21 -23.32 -11.52 34.47
CA ALA A 21 -22.61 -11.71 35.72
C ALA A 21 -21.14 -11.29 35.64
N ILE A 22 -20.47 -11.57 34.51
CA ILE A 22 -19.10 -11.12 34.30
C ILE A 22 -19.00 -9.61 34.51
N ASN A 23 -19.89 -8.85 33.86
CA ASN A 23 -19.78 -7.39 33.91
C ASN A 23 -20.16 -6.84 35.28
N GLN A 24 -21.22 -7.38 35.88
CA GLN A 24 -21.65 -6.91 37.19
C GLN A 24 -20.58 -7.19 38.25
N TYR A 25 -20.05 -8.42 38.28
CA TYR A 25 -19.01 -8.76 39.24
C TYR A 25 -17.75 -7.91 39.01
N PHE A 26 -17.43 -7.65 37.74
CA PHE A 26 -16.24 -6.87 37.40
C PHE A 26 -16.38 -5.43 37.91
N LEU A 27 -17.51 -4.79 37.64
CA LEU A 27 -17.70 -3.42 38.14
C LEU A 27 -17.78 -3.39 39.66
N HIS A 28 -18.51 -4.33 40.27
CA HIS A 28 -18.59 -4.36 41.73
C HIS A 28 -17.20 -4.45 42.37
N ALA A 29 -16.34 -5.33 41.85
CA ALA A 29 -14.99 -5.47 42.39
C ALA A 29 -14.26 -4.14 42.39
N ARG A 30 -14.28 -3.42 41.27
CA ARG A 30 -13.49 -2.19 41.19
C ARG A 30 -14.11 -1.06 42.01
N MET A 31 -15.43 -1.05 42.19
CA MET A 31 -16.03 -0.17 43.19
C MET A 31 -15.51 -0.49 44.60
N PHE A 32 -15.50 -1.78 44.97
CA PHE A 32 -14.92 -2.18 46.24
C PHE A 32 -13.48 -1.72 46.35
N LYS A 33 -12.69 -1.95 45.28
CA LYS A 33 -11.28 -1.53 45.28
C LYS A 33 -11.14 -0.03 45.46
N ASN A 34 -11.97 0.75 44.75
CA ASN A 34 -11.95 2.20 44.88
C ASN A 34 -12.25 2.64 46.31
N TRP A 35 -13.14 1.93 47.02
CA TRP A 35 -13.42 2.28 48.40
C TRP A 35 -12.35 1.80 49.37
N GLY A 36 -11.36 1.05 48.92
CA GLY A 36 -10.34 0.55 49.83
C GLY A 36 -10.66 -0.79 50.45
N LEU A 37 -11.68 -1.48 49.96
CA LEU A 37 -12.11 -2.78 50.49
C LEU A 37 -11.43 -3.87 49.66
N MET A 38 -10.14 -4.11 49.93
CA MET A 38 -9.36 -4.97 49.05
C MET A 38 -9.78 -6.44 49.15
N ARG A 39 -10.26 -6.88 50.31
CA ARG A 39 -10.74 -8.26 50.41
C ARG A 39 -11.97 -8.49 49.51
N LEU A 40 -12.90 -7.54 49.49
CA LEU A 40 -14.07 -7.69 48.62
C LEU A 40 -13.67 -7.59 47.16
N ASN A 41 -12.79 -6.66 46.81
CA ASN A 41 -12.26 -6.59 45.45
C ASN A 41 -11.72 -7.95 45.01
N ASP A 42 -10.96 -8.61 45.89
CA ASP A 42 -10.34 -9.88 45.51
C ASP A 42 -11.39 -10.96 45.26
N VAL A 43 -12.34 -11.13 46.17
CA VAL A 43 -13.34 -12.18 46.00
C VAL A 43 -14.26 -11.87 44.82
N GLU A 44 -14.75 -10.62 44.72
CA GLU A 44 -15.70 -10.33 43.64
C GLU A 44 -15.04 -10.43 42.27
N TYR A 45 -13.80 -9.95 42.16
CA TYR A 45 -13.07 -10.08 40.90
C TYR A 45 -12.85 -11.54 40.53
N HIS A 46 -12.55 -12.39 41.53
CA HIS A 46 -12.36 -13.81 41.23
C HIS A 46 -13.64 -14.46 40.76
N GLU A 47 -14.79 -14.00 41.24
CA GLU A 47 -16.03 -14.57 40.70
C GLU A 47 -16.33 -14.07 39.29
N SER A 48 -15.90 -12.85 38.94
CA SER A 48 -16.00 -12.41 37.56
C SER A 48 -15.19 -13.32 36.64
N ILE A 49 -13.93 -13.59 37.02
CA ILE A 49 -13.10 -14.56 36.29
C ILE A 49 -13.80 -15.91 36.21
N ASP A 50 -14.42 -16.33 37.32
CA ASP A 50 -15.08 -17.62 37.32
C ASP A 50 -16.33 -17.65 36.42
N GLU A 51 -17.06 -16.54 36.30
CA GLU A 51 -18.18 -16.51 35.37
C GLU A 51 -17.69 -16.50 33.92
N HIS A 52 -16.50 -15.94 33.70
CA HIS A 52 -15.88 -15.99 32.39
C HIS A 52 -15.54 -17.41 31.96
N LYS A 53 -15.07 -18.25 32.90
CA LYS A 53 -14.83 -19.66 32.61
C LYS A 53 -16.13 -20.39 32.27
N HIS A 54 -17.24 -20.05 32.94
CA HIS A 54 -18.53 -20.66 32.59
C HIS A 54 -18.92 -20.29 31.17
N ALA A 55 -18.82 -19.00 30.84
CA ALA A 55 -19.15 -18.52 29.50
C ALA A 55 -18.32 -19.23 28.43
N ASP A 56 -17.02 -19.36 28.68
CA ASP A 56 -16.16 -20.12 27.80
C ASP A 56 -16.69 -21.54 27.58
N LYS A 57 -17.19 -22.18 28.65
CA LYS A 57 -17.71 -23.53 28.49
C LYS A 57 -18.96 -23.56 27.61
N TYR A 58 -19.87 -22.60 27.80
CA TYR A 58 -21.05 -22.51 26.94
C TYR A 58 -20.66 -22.26 25.49
N ILE A 59 -19.77 -21.29 25.28
CA ILE A 59 -19.33 -20.91 23.94
C ILE A 59 -18.75 -22.12 23.22
N GLU A 60 -17.84 -22.83 23.88
CA GLU A 60 -17.20 -23.97 23.22
C GLU A 60 -18.19 -25.09 22.96
N ARG A 61 -19.16 -25.27 23.87
CA ARG A 61 -20.17 -26.32 23.68
C ARG A 61 -21.09 -25.98 22.53
N ILE A 62 -21.56 -24.73 22.47
CA ILE A 62 -22.42 -24.27 21.37
C ILE A 62 -21.73 -24.46 20.02
N LEU A 63 -20.45 -24.07 19.92
CA LEU A 63 -19.75 -24.26 18.66
C LEU A 63 -19.64 -25.73 18.28
N PHE A 64 -19.29 -26.59 19.26
CA PHE A 64 -19.18 -28.02 18.99
C PHE A 64 -20.50 -28.58 18.47
N LEU A 65 -21.60 -28.13 19.05
CA LEU A 65 -22.92 -28.55 18.65
C LEU A 65 -23.38 -27.86 17.38
N GLU A 66 -22.48 -27.07 16.76
CA GLU A 66 -22.71 -26.40 15.49
C GLU A 66 -23.81 -25.34 15.59
N GLY A 67 -23.96 -24.72 16.75
CA GLY A 67 -24.80 -23.56 16.89
C GLY A 67 -24.00 -22.28 16.86
N ILE A 68 -24.68 -21.17 17.07
CA ILE A 68 -24.04 -19.87 16.98
C ILE A 68 -24.11 -19.15 18.33
N PRO A 69 -22.97 -18.93 18.99
CA PRO A 69 -23.02 -18.29 20.30
C PRO A 69 -23.42 -16.83 20.16
N ASN A 70 -24.31 -16.39 21.02
CA ASN A 70 -24.79 -15.01 21.03
C ASN A 70 -24.04 -14.27 22.16
N LEU A 71 -23.07 -13.44 21.77
CA LEU A 71 -22.44 -12.54 22.72
C LEU A 71 -22.90 -11.10 22.51
N GLN A 72 -23.92 -10.89 21.71
CA GLN A 72 -24.32 -9.55 21.33
C GLN A 72 -25.33 -8.97 22.30
N ASP A 73 -26.31 -9.77 22.71
CA ASP A 73 -27.43 -9.28 23.51
C ASP A 73 -27.06 -9.37 24.98
N LEU A 74 -27.04 -8.23 25.65
CA LEU A 74 -26.64 -8.14 27.05
C LEU A 74 -27.86 -7.74 27.87
N GLY A 75 -28.20 -8.58 28.85
CA GLY A 75 -29.32 -8.33 29.73
C GLY A 75 -29.02 -7.21 30.71
N LYS A 76 -30.00 -6.93 31.54
CA LYS A 76 -29.96 -5.79 32.44
C LYS A 76 -29.05 -6.05 33.64
N LEU A 77 -28.10 -5.15 33.87
CA LEU A 77 -27.23 -5.14 35.05
C LEU A 77 -27.95 -4.52 36.25
N GLY A 78 -27.59 -4.97 37.44
CA GLY A 78 -28.13 -4.34 38.63
C GLY A 78 -27.04 -3.89 39.57
N ILE A 79 -26.52 -2.69 39.36
CA ILE A 79 -25.23 -2.34 39.96
C ILE A 79 -25.37 -2.08 41.46
N GLY A 80 -26.27 -1.20 41.86
CA GLY A 80 -26.35 -0.93 43.28
C GLY A 80 -25.27 0.03 43.76
N GLU A 81 -25.55 0.67 44.90
CA GLU A 81 -24.85 1.88 45.32
C GLU A 81 -24.01 1.75 46.59
N ASP A 82 -24.26 0.74 47.42
CA ASP A 82 -23.49 0.47 48.62
C ASP A 82 -23.30 -1.03 48.76
N VAL A 83 -22.45 -1.43 49.71
CA VAL A 83 -21.97 -2.81 49.77
C VAL A 83 -23.14 -3.78 49.89
N GLU A 84 -24.09 -3.48 50.76
CA GLU A 84 -25.19 -4.40 51.00
C GLU A 84 -26.08 -4.53 49.77
N GLU A 85 -26.36 -3.40 49.11
CA GLU A 85 -27.17 -3.45 47.90
C GLU A 85 -26.45 -4.21 46.79
N MET A 86 -25.14 -4.05 46.70
CA MET A 86 -24.42 -4.73 45.62
C MET A 86 -24.43 -6.23 45.87
N LEU A 87 -24.19 -6.65 47.12
CA LEU A 87 -24.22 -8.07 47.44
C LEU A 87 -25.60 -8.65 47.22
N GLN A 88 -26.66 -7.88 47.50
CA GLN A 88 -28.00 -8.41 47.33
C GLN A 88 -28.36 -8.54 45.85
N SER A 89 -27.90 -7.58 45.04
CA SER A 89 -28.06 -7.67 43.59
C SER A 89 -27.38 -8.92 43.01
N ASP A 90 -26.12 -9.16 43.41
CA ASP A 90 -25.43 -10.37 42.96
C ASP A 90 -26.20 -11.63 43.36
N LEU A 91 -26.76 -11.63 44.58
CA LEU A 91 -27.53 -12.77 45.04
C LEU A 91 -28.79 -12.97 44.21
N ALA A 92 -29.53 -11.89 43.96
CA ALA A 92 -30.72 -12.00 43.11
C ALA A 92 -30.35 -12.59 41.75
N LEU A 93 -29.26 -12.10 41.16
CA LEU A 93 -28.79 -12.60 39.86
C LEU A 93 -28.45 -14.09 39.94
N GLU A 94 -27.73 -14.50 40.97
CA GLU A 94 -27.36 -15.90 41.10
C GLU A 94 -28.59 -16.79 41.24
N LEU A 95 -29.63 -16.29 41.92
CA LEU A 95 -30.83 -17.11 42.09
C LEU A 95 -31.62 -17.24 40.79
N GLU A 96 -31.70 -16.15 40.01
CA GLU A 96 -32.31 -16.21 38.69
C GLU A 96 -31.57 -17.20 37.80
N GLY A 97 -30.23 -17.19 37.86
CA GLY A 97 -29.45 -18.07 36.99
C GLY A 97 -29.55 -19.53 37.36
N ALA A 98 -29.63 -19.84 38.65
CA ALA A 98 -29.82 -21.22 39.07
C ALA A 98 -31.15 -21.74 38.56
N ASP A 99 -32.17 -20.89 38.56
CA ASP A 99 -33.49 -21.24 38.06
C ASP A 99 -33.42 -21.67 36.59
N ASP A 100 -32.69 -20.92 35.76
CA ASP A 100 -32.55 -21.29 34.35
C ASP A 100 -31.76 -22.58 34.19
N LEU A 101 -30.72 -22.75 35.01
CA LEU A 101 -29.94 -23.98 34.94
C LEU A 101 -30.79 -25.21 35.22
N ARG A 102 -31.67 -25.13 36.23
CA ARG A 102 -32.48 -26.30 36.59
C ARG A 102 -33.42 -26.69 35.45
N GLU A 103 -34.03 -25.70 34.79
CA GLU A 103 -34.86 -25.98 33.62
C GLU A 103 -34.02 -26.58 32.49
N ALA A 104 -32.85 -25.99 32.23
CA ALA A 104 -32.01 -26.48 31.15
C ALA A 104 -31.52 -27.91 31.43
N ILE A 105 -31.17 -28.20 32.69
CA ILE A 105 -30.70 -29.53 33.05
C ILE A 105 -31.80 -30.56 32.87
N ALA A 106 -33.03 -30.20 33.27
CA ALA A 106 -34.15 -31.12 33.10
C ALA A 106 -34.40 -31.41 31.63
N TYR A 107 -34.37 -30.38 30.79
CA TYR A 107 -34.63 -30.60 29.37
C TYR A 107 -33.53 -31.44 28.72
N ALA A 108 -32.26 -31.13 29.02
CA ALA A 108 -31.16 -31.85 28.40
C ALA A 108 -31.28 -33.34 28.65
N ASP A 109 -31.80 -33.73 29.82
CA ASP A 109 -31.99 -35.16 30.09
C ASP A 109 -33.07 -35.73 29.18
N SER A 110 -34.14 -34.97 28.93
CA SER A 110 -35.24 -35.49 28.11
C SER A 110 -34.81 -35.76 26.67
N VAL A 111 -33.84 -35.02 26.12
CA VAL A 111 -33.36 -35.26 24.76
C VAL A 111 -32.02 -36.01 24.75
N HIS A 112 -31.61 -36.58 25.88
CA HIS A 112 -30.45 -37.46 25.98
C HIS A 112 -29.13 -36.74 25.65
N ASP A 113 -29.09 -35.42 25.80
CA ASP A 113 -27.80 -34.71 25.72
C ASP A 113 -27.17 -34.72 27.12
N TYR A 114 -26.61 -35.88 27.47
CA TYR A 114 -26.08 -36.11 28.82
C TYR A 114 -24.75 -35.39 29.07
N VAL A 115 -23.99 -35.05 28.03
CA VAL A 115 -22.75 -34.30 28.26
C VAL A 115 -23.05 -32.82 28.53
N SER A 116 -24.02 -32.23 27.83
CA SER A 116 -24.39 -30.85 28.13
C SER A 116 -24.98 -30.74 29.53
N ARG A 117 -25.73 -31.77 29.96
CA ARG A 117 -26.25 -31.82 31.32
C ARG A 117 -25.14 -31.93 32.36
N ASP A 118 -24.17 -32.82 32.15
CA ASP A 118 -23.08 -32.95 33.11
C ASP A 118 -22.30 -31.64 33.25
N MET A 119 -22.12 -30.93 32.13
CA MET A 119 -21.47 -29.62 32.13
C MET A 119 -22.26 -28.61 32.96
N MET A 120 -23.57 -28.60 32.78
CA MET A 120 -24.42 -27.62 33.46
C MET A 120 -24.57 -27.92 34.95
N ILE A 121 -24.58 -29.20 35.33
CA ILE A 121 -24.64 -29.57 36.74
C ILE A 121 -23.39 -29.06 37.47
N GLU A 122 -22.22 -29.25 36.87
CA GLU A 122 -20.98 -28.72 37.46
C GLU A 122 -21.06 -27.21 37.62
N ILE A 123 -21.61 -26.52 36.62
CA ILE A 123 -21.73 -25.06 36.70
C ILE A 123 -22.71 -24.68 37.79
N LEU A 124 -23.81 -25.42 37.91
CA LEU A 124 -24.78 -25.17 38.98
C LEU A 124 -24.17 -25.37 40.35
N ALA A 125 -23.35 -26.40 40.53
CA ALA A 125 -22.66 -26.56 41.81
C ALA A 125 -21.79 -25.36 42.12
N ASP A 126 -21.05 -24.86 41.13
CA ASP A 126 -20.29 -23.63 41.29
C ASP A 126 -21.18 -22.48 41.75
N GLU A 127 -22.29 -22.27 41.05
CA GLU A 127 -23.14 -21.12 41.36
C GLU A 127 -23.74 -21.24 42.76
N GLU A 128 -24.07 -22.47 43.22
CA GLU A 128 -24.57 -22.61 44.59
C GLU A 128 -23.48 -22.29 45.60
N GLY A 129 -22.21 -22.56 45.25
CA GLY A 129 -21.10 -22.05 46.04
C GLY A 129 -21.11 -20.53 46.15
N HIS A 130 -21.27 -19.81 45.02
CA HIS A 130 -21.38 -18.35 45.06
C HIS A 130 -22.56 -17.92 45.92
N ILE A 131 -23.72 -18.54 45.74
CA ILE A 131 -24.89 -18.22 46.55
C ILE A 131 -24.57 -18.39 48.02
N ASP A 132 -23.90 -19.48 48.38
CA ASP A 132 -23.56 -19.73 49.78
C ASP A 132 -22.71 -18.61 50.35
N TRP A 133 -21.74 -18.13 49.56
CA TRP A 133 -20.86 -17.07 50.04
C TRP A 133 -21.60 -15.76 50.23
N LEU A 134 -22.46 -15.40 49.26
CA LEU A 134 -23.22 -14.16 49.34
C LEU A 134 -24.18 -14.16 50.53
N GLU A 135 -24.93 -15.24 50.70
CA GLU A 135 -25.82 -15.39 51.85
C GLU A 135 -25.03 -15.24 53.15
N THR A 136 -23.86 -15.86 53.23
CA THR A 136 -23.04 -15.78 54.45
C THR A 136 -22.55 -14.36 54.69
N GLU A 137 -22.08 -13.67 53.65
CA GLU A 137 -21.64 -12.29 53.84
C GLU A 137 -22.80 -11.39 54.28
N LEU A 138 -23.97 -11.56 53.65
CA LEU A 138 -25.09 -10.71 54.01
C LEU A 138 -25.52 -10.96 55.45
N ASP A 139 -25.50 -12.22 55.90
CA ASP A 139 -25.84 -12.51 57.29
C ASP A 139 -24.82 -11.90 58.26
N LEU A 140 -23.53 -11.90 57.89
CA LEU A 140 -22.50 -11.36 58.78
C LEU A 140 -22.66 -9.86 58.98
N ILE A 141 -23.05 -9.13 57.93
CA ILE A 141 -23.34 -7.70 58.07
C ILE A 141 -24.33 -7.49 59.21
N GLY A 142 -25.34 -8.35 59.29
CA GLY A 142 -26.31 -8.24 60.37
C GLY A 142 -25.78 -8.69 61.71
N LYS A 143 -24.94 -9.73 61.72
CA LYS A 143 -24.45 -10.26 63.00
C LYS A 143 -23.44 -9.32 63.66
N ILE A 144 -22.57 -8.68 62.88
CA ILE A 144 -21.50 -7.85 63.44
C ILE A 144 -21.66 -6.38 63.10
N GLY A 145 -22.69 -5.99 62.35
CA GLY A 145 -22.89 -4.58 62.05
C GLY A 145 -22.03 -4.13 60.89
N LEU A 146 -22.48 -3.08 60.18
CA LEU A 146 -21.83 -2.69 58.94
C LEU A 146 -20.41 -2.18 59.15
N GLN A 147 -20.19 -1.41 60.22
CA GLN A 147 -18.85 -0.84 60.42
C GLN A 147 -17.81 -1.94 60.64
N ASN A 148 -18.12 -2.95 61.46
CA ASN A 148 -17.20 -4.06 61.66
C ASN A 148 -17.04 -4.85 60.37
N TYR A 149 -18.14 -5.09 59.65
CA TYR A 149 -18.06 -5.88 58.43
C TYR A 149 -17.15 -5.21 57.42
N LEU A 150 -17.36 -3.90 57.17
CA LEU A 150 -16.52 -3.19 56.22
C LEU A 150 -15.06 -3.16 56.70
N GLN A 151 -14.84 -2.96 58.00
CA GLN A 151 -13.47 -2.92 58.52
C GLN A 151 -12.69 -4.17 58.14
N SER A 152 -13.33 -5.33 58.20
CA SER A 152 -12.55 -6.53 57.96
C SER A 152 -12.51 -6.91 56.46
N GLN A 153 -13.00 -6.03 55.58
CA GLN A 153 -12.77 -6.17 54.15
C GLN A 153 -11.58 -5.34 53.67
N ILE A 154 -10.90 -4.64 54.59
CA ILE A 154 -9.84 -3.72 54.17
C ILE A 154 -8.58 -4.49 53.73
N LYS A 155 -8.17 -5.49 54.49
CA LYS A 155 -6.94 -6.25 54.22
C LYS A 155 -7.25 -7.68 53.76
N VAL A 156 -6.29 -8.28 53.03
CA VAL A 156 -6.59 -9.34 52.05
C VAL A 156 -6.37 -10.78 52.54
N LYS A 157 -6.90 -11.73 51.75
CA LYS A 157 -7.61 -12.90 52.26
C LYS A 157 -6.85 -14.21 52.08
N ASP A 158 -6.76 -14.98 53.16
CA ASP A 158 -6.27 -16.36 53.10
C ASP A 158 -7.02 -17.30 54.06
N MET B 1 51.89 2.64 12.96
CA MET B 1 52.89 2.11 12.03
C MET B 1 52.54 2.53 10.59
N LYS B 2 53.47 3.16 9.88
CA LYS B 2 53.13 3.81 8.61
C LYS B 2 52.82 2.79 7.52
N GLY B 3 51.58 2.81 7.02
CA GLY B 3 51.15 1.84 6.05
C GLY B 3 51.34 2.29 4.61
N ASP B 4 51.42 1.31 3.71
CA ASP B 4 51.51 1.62 2.29
C ASP B 4 50.29 2.42 1.85
N VAL B 5 50.54 3.47 1.07
CA VAL B 5 49.48 4.44 0.74
C VAL B 5 48.36 3.77 -0.04
N LYS B 6 48.71 2.92 -0.99
CA LYS B 6 47.66 2.26 -1.78
C LYS B 6 46.91 1.23 -0.95
N ILE B 7 47.55 0.65 0.07
CA ILE B 7 46.84 -0.28 0.96
C ILE B 7 45.68 0.42 1.65
N ILE B 8 45.93 1.63 2.14
CA ILE B 8 44.89 2.34 2.88
C ILE B 8 43.72 2.68 1.98
N ASN B 9 44.00 3.04 0.73
CA ASN B 9 42.90 3.30 -0.22
C ASN B 9 42.10 2.04 -0.50
N TYR B 10 42.75 0.89 -0.64
CA TYR B 10 42.01 -0.36 -0.79
C TYR B 10 41.14 -0.63 0.43
N LEU B 11 41.68 -0.42 1.62
CA LEU B 11 40.96 -0.65 2.86
C LEU B 11 39.75 0.28 2.95
N ASN B 12 39.93 1.53 2.53
CA ASN B 12 38.81 2.47 2.53
C ASN B 12 37.77 2.11 1.49
N LYS B 13 38.17 1.56 0.34
CA LYS B 13 37.19 1.05 -0.64
C LYS B 13 36.42 -0.12 -0.08
N LEU B 14 37.12 -1.07 0.54
CA LEU B 14 36.46 -2.22 1.15
C LEU B 14 35.53 -1.78 2.29
N LEU B 15 35.98 -0.85 3.14
CA LEU B 15 35.10 -0.25 4.14
C LEU B 15 33.85 0.36 3.51
N GLY B 16 34.01 1.03 2.36
CA GLY B 16 32.86 1.57 1.67
C GLY B 16 31.83 0.51 1.32
N ASN B 17 32.28 -0.63 0.79
CA ASN B 17 31.36 -1.75 0.52
C ASN B 17 30.65 -2.22 1.78
N GLU B 18 31.37 -2.30 2.90
CA GLU B 18 30.72 -2.81 4.11
C GLU B 18 29.65 -1.85 4.62
N LEU B 19 29.89 -0.54 4.47
CA LEU B 19 28.91 0.44 4.96
C LEU B 19 27.62 0.37 4.15
N VAL B 20 27.72 0.16 2.83
CA VAL B 20 26.53 -0.07 2.02
C VAL B 20 25.81 -1.32 2.52
N ALA B 21 26.56 -2.42 2.70
CA ALA B 21 25.96 -3.68 3.11
C ALA B 21 25.26 -3.57 4.46
N ILE B 22 25.84 -2.83 5.40
CA ILE B 22 25.21 -2.65 6.71
C ILE B 22 23.81 -2.05 6.56
N ASN B 23 23.72 -0.95 5.83
CA ASN B 23 22.42 -0.28 5.65
C ASN B 23 21.44 -1.15 4.88
N GLN B 24 21.89 -1.75 3.76
CA GLN B 24 20.99 -2.56 2.94
C GLN B 24 20.44 -3.75 3.72
N TYR B 25 21.31 -4.47 4.43
CA TYR B 25 20.88 -5.63 5.20
C TYR B 25 19.95 -5.21 6.35
N PHE B 26 20.24 -4.07 6.97
CA PHE B 26 19.44 -3.56 8.07
C PHE B 26 18.01 -3.25 7.60
N LEU B 27 17.88 -2.51 6.50
CA LEU B 27 16.56 -2.19 5.96
C LEU B 27 15.84 -3.45 5.49
N HIS B 28 16.52 -4.31 4.73
CA HIS B 28 15.91 -5.55 4.29
C HIS B 28 15.37 -6.36 5.46
N ALA B 29 16.16 -6.45 6.53
CA ALA B 29 15.74 -7.20 7.71
C ALA B 29 14.40 -6.68 8.26
N ARG B 30 14.26 -5.35 8.39
CA ARG B 30 13.05 -4.78 8.99
C ARG B 30 11.86 -4.76 8.03
N MET B 31 12.12 -4.77 6.72
CA MET B 31 11.06 -5.04 5.75
C MET B 31 10.52 -6.46 5.92
N PHE B 32 11.40 -7.45 6.00
CA PHE B 32 10.95 -8.81 6.35
C PHE B 32 10.16 -8.83 7.66
N LYS B 33 10.67 -8.14 8.69
CA LYS B 33 9.97 -8.11 9.97
C LYS B 33 8.56 -7.53 9.80
N ASN B 34 8.44 -6.42 9.08
CA ASN B 34 7.16 -5.78 8.85
C ASN B 34 6.21 -6.73 8.10
N TRP B 35 6.72 -7.53 7.17
CA TRP B 35 5.89 -8.51 6.48
C TRP B 35 5.60 -9.72 7.34
N GLY B 36 6.16 -9.79 8.55
CA GLY B 36 5.94 -10.95 9.40
C GLY B 36 6.76 -12.15 9.04
N LEU B 37 7.87 -11.96 8.33
CA LEU B 37 8.74 -13.08 7.97
C LEU B 37 9.91 -13.11 8.95
N MET B 38 9.66 -13.66 10.13
CA MET B 38 10.61 -13.47 11.23
C MET B 38 11.90 -14.27 11.05
N ARG B 39 11.86 -15.42 10.37
CA ARG B 39 13.09 -16.15 10.10
C ARG B 39 14.03 -15.35 9.21
N LEU B 40 13.49 -14.65 8.20
CA LEU B 40 14.33 -13.84 7.32
C LEU B 40 14.81 -12.58 8.01
N ASN B 41 13.98 -11.99 8.87
CA ASN B 41 14.43 -10.89 9.72
C ASN B 41 15.67 -11.28 10.52
N ASP B 42 15.64 -12.46 11.14
CA ASP B 42 16.74 -12.85 12.02
C ASP B 42 18.04 -13.02 11.24
N VAL B 43 18.00 -13.71 10.10
CA VAL B 43 19.23 -13.96 9.36
C VAL B 43 19.80 -12.66 8.79
N GLU B 44 18.95 -11.88 8.10
CA GLU B 44 19.42 -10.63 7.50
C GLU B 44 19.92 -9.65 8.54
N TYR B 45 19.25 -9.57 9.69
CA TYR B 45 19.73 -8.67 10.72
C TYR B 45 21.08 -9.10 11.23
N HIS B 46 21.28 -10.41 11.40
CA HIS B 46 22.56 -10.94 11.85
C HIS B 46 23.68 -10.61 10.86
N GLU B 47 23.44 -10.82 9.57
CA GLU B 47 24.34 -10.36 8.51
C GLU B 47 24.59 -8.88 8.48
N SER B 48 23.63 -8.03 8.84
CA SER B 48 23.94 -6.62 9.02
C SER B 48 24.99 -6.42 10.12
N ILE B 49 24.86 -7.16 11.22
CA ILE B 49 25.85 -7.11 12.30
C ILE B 49 27.21 -7.64 11.86
N ASP B 50 27.20 -8.72 11.08
CA ASP B 50 28.46 -9.30 10.61
C ASP B 50 29.23 -8.31 9.74
N GLU B 51 28.53 -7.58 8.87
CA GLU B 51 29.21 -6.57 8.07
C GLU B 51 29.65 -5.39 8.94
N HIS B 52 28.99 -5.15 10.06
CA HIS B 52 29.47 -4.12 10.97
C HIS B 52 30.77 -4.55 11.65
N LYS B 53 30.92 -5.84 11.93
CA LYS B 53 32.19 -6.35 12.45
C LYS B 53 33.31 -6.20 11.42
N HIS B 54 32.99 -6.45 10.15
CA HIS B 54 33.99 -6.24 9.09
C HIS B 54 34.40 -4.77 9.01
N ALA B 55 33.42 -3.85 8.96
CA ALA B 55 33.72 -2.43 8.93
C ALA B 55 34.59 -2.01 10.13
N ASP B 56 34.27 -2.55 11.31
CA ASP B 56 35.11 -2.31 12.50
C ASP B 56 36.55 -2.77 12.26
N LYS B 57 36.75 -3.94 11.64
CA LYS B 57 38.10 -4.40 11.37
C LYS B 57 38.84 -3.47 10.41
N TYR B 58 38.16 -2.96 9.38
CA TYR B 58 38.83 -2.06 8.44
C TYR B 58 39.19 -0.75 9.11
N ILE B 59 38.25 -0.19 9.87
CA ILE B 59 38.47 1.09 10.53
C ILE B 59 39.67 0.99 11.46
N GLU B 60 39.74 -0.07 12.26
CA GLU B 60 40.86 -0.22 13.20
C GLU B 60 42.17 -0.44 12.46
N ARG B 61 42.18 -1.27 11.42
CA ARG B 61 43.40 -1.46 10.64
C ARG B 61 43.86 -0.16 9.98
N ILE B 62 42.93 0.63 9.45
CA ILE B 62 43.28 1.89 8.82
C ILE B 62 43.92 2.84 9.83
N LEU B 63 43.32 2.95 11.02
CA LEU B 63 43.90 3.84 12.04
C LEU B 63 45.26 3.34 12.50
N PHE B 64 45.40 2.02 12.66
CA PHE B 64 46.71 1.48 13.04
C PHE B 64 47.78 1.85 12.02
N LEU B 65 47.45 1.76 10.73
CA LEU B 65 48.34 2.14 9.64
C LEU B 65 48.38 3.65 9.42
N GLU B 66 47.78 4.43 10.33
CA GLU B 66 47.84 5.89 10.35
C GLU B 66 47.19 6.52 9.12
N GLY B 67 46.16 5.86 8.59
CA GLY B 67 45.34 6.44 7.54
C GLY B 67 44.10 7.08 8.13
N ILE B 68 43.23 7.55 7.24
CA ILE B 68 42.02 8.21 7.70
C ILE B 68 40.80 7.42 7.22
N PRO B 69 40.05 6.75 8.10
CA PRO B 69 38.89 5.97 7.63
C PRO B 69 37.83 6.91 7.08
N ASN B 70 37.25 6.52 5.95
CA ASN B 70 36.23 7.33 5.29
C ASN B 70 34.87 6.68 5.55
N LEU B 71 34.11 7.28 6.48
CA LEU B 71 32.74 6.86 6.71
C LEU B 71 31.73 7.84 6.11
N GLN B 72 32.19 8.79 5.29
CA GLN B 72 31.35 9.88 4.80
C GLN B 72 30.68 9.54 3.48
N ASP B 73 31.36 8.81 2.59
CA ASP B 73 30.82 8.52 1.27
C ASP B 73 30.11 7.17 1.34
N LEU B 74 28.85 7.16 0.92
CA LEU B 74 28.02 5.97 0.95
C LEU B 74 27.64 5.64 -0.48
N GLY B 75 27.98 4.43 -0.92
CA GLY B 75 27.63 3.99 -2.26
C GLY B 75 26.14 3.71 -2.39
N LYS B 76 25.74 3.37 -3.62
CA LYS B 76 24.32 3.21 -3.92
C LYS B 76 23.77 1.91 -3.32
N LEU B 77 22.63 2.02 -2.63
CA LEU B 77 21.87 0.90 -2.10
C LEU B 77 20.95 0.35 -3.17
N GLY B 78 20.64 -0.95 -3.09
CA GLY B 78 19.71 -1.53 -4.02
C GLY B 78 18.58 -2.23 -3.28
N ILE B 79 17.55 -1.47 -2.91
CA ILE B 79 16.64 -1.98 -1.89
C ILE B 79 15.74 -3.10 -2.44
N GLY B 80 15.02 -2.85 -3.52
CA GLY B 80 14.17 -3.93 -4.01
C GLY B 80 12.87 -4.10 -3.25
N GLU B 81 11.83 -4.61 -3.92
CA GLU B 81 10.44 -4.51 -3.46
C GLU B 81 9.87 -5.82 -2.92
N ASP B 82 10.43 -6.96 -3.27
CA ASP B 82 9.91 -8.24 -2.85
C ASP B 82 11.08 -9.15 -2.49
N VAL B 83 10.75 -10.27 -1.84
CA VAL B 83 11.76 -11.07 -1.17
C VAL B 83 12.83 -11.51 -2.17
N GLU B 84 12.39 -12.02 -3.31
CA GLU B 84 13.33 -12.55 -4.31
C GLU B 84 14.30 -11.48 -4.81
N GLU B 85 13.79 -10.27 -5.07
CA GLU B 85 14.67 -9.21 -5.56
C GLU B 85 15.59 -8.69 -4.46
N MET B 86 15.12 -8.66 -3.21
CA MET B 86 15.95 -8.25 -2.09
C MET B 86 17.14 -9.19 -1.92
N LEU B 87 16.87 -10.50 -1.93
CA LEU B 87 17.95 -11.49 -1.90
C LEU B 87 18.84 -11.39 -3.14
N GLN B 88 18.23 -11.23 -4.32
CA GLN B 88 19.01 -11.07 -5.54
C GLN B 88 19.94 -9.87 -5.44
N SER B 89 19.43 -8.77 -4.87
CA SER B 89 20.23 -7.56 -4.69
C SER B 89 21.38 -7.77 -3.69
N ASP B 90 21.11 -8.44 -2.56
CA ASP B 90 22.19 -8.72 -1.59
C ASP B 90 23.28 -9.55 -2.26
N LEU B 91 22.90 -10.50 -3.10
CA LEU B 91 23.85 -11.34 -3.80
C LEU B 91 24.73 -10.53 -4.74
N ALA B 92 24.13 -9.63 -5.53
CA ALA B 92 24.94 -8.81 -6.42
C ALA B 92 25.95 -8.00 -5.63
N LEU B 93 25.54 -7.47 -4.49
CA LEU B 93 26.43 -6.69 -3.65
C LEU B 93 27.58 -7.54 -3.14
N GLU B 94 27.29 -8.76 -2.69
CA GLU B 94 28.36 -9.62 -2.16
C GLU B 94 29.36 -9.99 -3.24
N LEU B 95 28.90 -10.28 -4.46
CA LEU B 95 29.82 -10.65 -5.52
C LEU B 95 30.71 -9.48 -5.91
N GLU B 96 30.14 -8.28 -6.02
CA GLU B 96 30.95 -7.08 -6.25
C GLU B 96 32.02 -6.95 -5.17
N GLY B 97 31.62 -7.10 -3.90
CA GLY B 97 32.56 -6.97 -2.79
C GLY B 97 33.64 -8.03 -2.82
N ALA B 98 33.27 -9.27 -3.20
CA ALA B 98 34.27 -10.33 -3.26
C ALA B 98 35.30 -10.03 -4.34
N ASP B 99 34.83 -9.47 -5.46
CA ASP B 99 35.68 -8.99 -6.54
C ASP B 99 36.72 -8.00 -6.04
N ASP B 100 36.30 -6.98 -5.28
CA ASP B 100 37.26 -6.00 -4.74
C ASP B 100 38.21 -6.63 -3.73
N LEU B 101 37.75 -7.61 -2.94
CA LEU B 101 38.63 -8.23 -1.98
C LEU B 101 39.77 -8.96 -2.69
N ARG B 102 39.44 -9.69 -3.76
CA ARG B 102 40.48 -10.43 -4.49
C ARG B 102 41.56 -9.49 -5.02
N GLU B 103 41.17 -8.35 -5.55
CA GLU B 103 42.14 -7.38 -6.05
C GLU B 103 42.99 -6.82 -4.89
N ALA B 104 42.36 -6.48 -3.77
CA ALA B 104 43.13 -5.95 -2.65
C ALA B 104 44.04 -7.00 -2.03
N ILE B 105 43.62 -8.26 -2.00
CA ILE B 105 44.44 -9.31 -1.39
C ILE B 105 45.68 -9.58 -2.23
N ALA B 106 45.52 -9.53 -3.55
CA ALA B 106 46.65 -9.67 -4.47
C ALA B 106 47.61 -8.51 -4.34
N TYR B 107 47.09 -7.29 -4.25
CA TYR B 107 47.97 -6.14 -4.06
C TYR B 107 48.73 -6.21 -2.73
N ALA B 108 48.03 -6.56 -1.66
CA ALA B 108 48.67 -6.60 -0.34
C ALA B 108 49.85 -7.56 -0.33
N ASP B 109 49.74 -8.67 -1.05
CA ASP B 109 50.86 -9.59 -1.17
C ASP B 109 52.05 -8.94 -1.85
N SER B 110 51.79 -8.13 -2.89
CA SER B 110 52.91 -7.58 -3.64
C SER B 110 53.70 -6.55 -2.81
N VAL B 111 53.06 -5.92 -1.82
CA VAL B 111 53.76 -4.95 -0.97
C VAL B 111 54.06 -5.52 0.41
N HIS B 112 53.90 -6.84 0.59
CA HIS B 112 54.27 -7.55 1.83
C HIS B 112 53.47 -7.08 3.04
N ASP B 113 52.24 -6.60 2.85
CA ASP B 113 51.36 -6.34 3.98
C ASP B 113 50.59 -7.63 4.24
N TYR B 114 51.28 -8.60 4.84
CA TYR B 114 50.70 -9.91 5.00
C TYR B 114 49.64 -9.95 6.08
N VAL B 115 49.66 -9.00 7.02
CA VAL B 115 48.65 -8.99 8.05
C VAL B 115 47.34 -8.42 7.51
N SER B 116 47.41 -7.30 6.77
CA SER B 116 46.22 -6.84 6.07
C SER B 116 45.66 -7.91 5.15
N ARG B 117 46.53 -8.61 4.41
CA ARG B 117 46.06 -9.68 3.53
C ARG B 117 45.35 -10.78 4.33
N ASP B 118 45.95 -11.23 5.43
CA ASP B 118 45.35 -12.27 6.25
C ASP B 118 43.99 -11.84 6.78
N MET B 119 43.88 -10.59 7.23
CA MET B 119 42.60 -10.06 7.67
C MET B 119 41.56 -10.11 6.56
N MET B 120 41.95 -9.72 5.35
CA MET B 120 41.02 -9.69 4.24
C MET B 120 40.60 -11.09 3.79
N ILE B 121 41.50 -12.07 3.90
CA ILE B 121 41.14 -13.43 3.48
C ILE B 121 40.08 -14.00 4.40
N GLU B 122 40.19 -13.74 5.71
CA GLU B 122 39.15 -14.15 6.65
C GLU B 122 37.81 -13.49 6.34
N ILE B 123 37.82 -12.19 6.00
CA ILE B 123 36.59 -11.50 5.61
C ILE B 123 36.04 -12.11 4.33
N LEU B 124 36.91 -12.34 3.34
CA LEU B 124 36.48 -12.95 2.09
C LEU B 124 35.83 -14.31 2.34
N ALA B 125 36.38 -15.10 3.26
CA ALA B 125 35.77 -16.38 3.59
C ALA B 125 34.37 -16.18 4.20
N ASP B 126 34.20 -15.16 5.04
CA ASP B 126 32.88 -14.85 5.55
C ASP B 126 31.92 -14.46 4.42
N GLU B 127 32.36 -13.60 3.51
CA GLU B 127 31.48 -13.19 2.42
C GLU B 127 31.07 -14.37 1.55
N GLU B 128 31.98 -15.32 1.32
CA GLU B 128 31.61 -16.50 0.54
C GLU B 128 30.62 -17.37 1.30
N GLY B 129 30.67 -17.37 2.63
CA GLY B 129 29.60 -17.94 3.43
C GLY B 129 28.25 -17.29 3.14
N HIS B 130 28.19 -15.95 3.16
CA HIS B 130 26.96 -15.23 2.85
C HIS B 130 26.47 -15.51 1.45
N ILE B 131 27.39 -15.56 0.49
CA ILE B 131 27.04 -15.87 -0.88
C ILE B 131 26.39 -17.25 -0.95
N ASP B 132 26.99 -18.23 -0.28
CA ASP B 132 26.43 -19.57 -0.23
C ASP B 132 25.00 -19.57 0.29
N TRP B 133 24.74 -18.87 1.40
CA TRP B 133 23.38 -18.79 1.92
C TRP B 133 22.44 -18.13 0.90
N LEU B 134 22.86 -17.02 0.28
CA LEU B 134 21.96 -16.31 -0.64
C LEU B 134 21.59 -17.18 -1.83
N GLU B 135 22.59 -17.82 -2.44
CA GLU B 135 22.31 -18.70 -3.58
C GLU B 135 21.40 -19.85 -3.20
N THR B 136 21.57 -20.42 -2.00
CA THR B 136 20.73 -21.54 -1.55
C THR B 136 19.29 -21.09 -1.35
N GLU B 137 19.07 -19.96 -0.67
CA GLU B 137 17.72 -19.43 -0.53
C GLU B 137 17.07 -19.17 -1.89
N LEU B 138 17.80 -18.53 -2.81
CA LEU B 138 17.25 -18.24 -4.13
C LEU B 138 16.87 -19.52 -4.87
N ASP B 139 17.69 -20.57 -4.75
CA ASP B 139 17.38 -21.85 -5.39
C ASP B 139 16.19 -22.54 -4.72
N LEU B 140 16.06 -22.44 -3.40
CA LEU B 140 14.89 -23.02 -2.74
C LEU B 140 13.59 -22.39 -3.22
N ILE B 141 13.59 -21.07 -3.45
CA ILE B 141 12.40 -20.43 -3.98
C ILE B 141 11.96 -21.11 -5.25
N GLY B 142 12.91 -21.35 -6.16
CA GLY B 142 12.57 -22.05 -7.38
C GLY B 142 12.07 -23.45 -7.12
N LYS B 143 12.66 -24.13 -6.14
CA LYS B 143 12.38 -25.56 -5.96
C LYS B 143 11.04 -25.81 -5.27
N ILE B 144 10.71 -25.02 -4.25
CA ILE B 144 9.50 -25.28 -3.49
C ILE B 144 8.43 -24.26 -3.76
N GLY B 145 8.71 -23.25 -4.57
CA GLY B 145 7.70 -22.26 -4.89
C GLY B 145 7.71 -21.10 -3.91
N LEU B 146 7.29 -19.94 -4.40
CA LEU B 146 7.31 -18.74 -3.58
C LEU B 146 6.37 -18.86 -2.38
N GLN B 147 5.19 -19.45 -2.57
CA GLN B 147 4.20 -19.51 -1.48
C GLN B 147 4.72 -20.38 -0.33
N ASN B 148 5.23 -21.57 -0.65
CA ASN B 148 5.86 -22.42 0.38
C ASN B 148 7.11 -21.75 0.96
N TYR B 149 7.90 -21.08 0.11
CA TYR B 149 9.13 -20.47 0.61
C TYR B 149 8.81 -19.43 1.67
N LEU B 150 7.90 -18.51 1.36
CA LEU B 150 7.55 -17.46 2.31
C LEU B 150 6.95 -18.06 3.57
N GLN B 151 6.11 -19.10 3.40
CA GLN B 151 5.48 -19.73 4.54
C GLN B 151 6.51 -20.17 5.58
N SER B 152 7.57 -20.82 5.13
CA SER B 152 8.51 -21.32 6.12
C SER B 152 9.47 -20.26 6.62
N GLN B 153 9.28 -19.00 6.22
CA GLN B 153 10.03 -17.89 6.82
C GLN B 153 9.24 -17.19 7.92
N ILE B 154 8.01 -17.65 8.22
CA ILE B 154 7.19 -16.96 9.22
C ILE B 154 7.77 -17.11 10.63
N LYS B 155 8.11 -18.35 11.02
CA LYS B 155 8.59 -18.69 12.36
C LYS B 155 10.10 -18.93 12.37
N VAL B 156 10.71 -18.86 13.59
CA VAL B 156 12.14 -18.57 13.77
C VAL B 156 13.03 -19.78 14.06
N LYS B 157 14.34 -19.54 13.90
CA LYS B 157 15.29 -20.49 13.30
C LYS B 157 16.29 -21.08 14.30
N ASP B 158 16.33 -22.42 14.36
CA ASP B 158 17.43 -23.19 14.96
C ASP B 158 17.88 -24.37 14.08
N MET C 1 4.61 33.81 -31.02
CA MET C 1 3.92 34.46 -29.92
C MET C 1 4.80 34.45 -28.68
N LYS C 2 5.17 35.62 -28.18
CA LYS C 2 6.09 35.70 -27.05
C LYS C 2 5.53 35.00 -25.82
N GLY C 3 6.22 33.96 -25.38
CA GLY C 3 5.82 33.22 -24.20
C GLY C 3 6.46 33.77 -22.94
N ASP C 4 5.88 33.38 -21.81
CA ASP C 4 6.44 33.71 -20.51
C ASP C 4 7.80 33.03 -20.33
N VAL C 5 8.78 33.80 -19.85
CA VAL C 5 10.16 33.32 -19.78
C VAL C 5 10.29 32.11 -18.86
N LYS C 6 9.60 32.13 -17.71
CA LYS C 6 9.66 30.99 -16.81
C LYS C 6 8.85 29.80 -17.33
N ILE C 7 7.80 30.05 -18.13
CA ILE C 7 7.15 28.95 -18.85
C ILE C 7 8.16 28.19 -19.71
N ILE C 8 8.95 28.92 -20.49
CA ILE C 8 9.87 28.24 -21.41
C ILE C 8 10.90 27.42 -20.63
N ASN C 9 11.37 27.94 -19.49
CA ASN C 9 12.28 27.19 -18.64
C ASN C 9 11.65 25.90 -18.13
N TYR C 10 10.38 25.94 -17.72
CA TYR C 10 9.72 24.71 -17.28
C TYR C 10 9.58 23.72 -18.43
N LEU C 11 9.18 24.22 -19.61
CA LEU C 11 9.06 23.37 -20.79
C LEU C 11 10.37 22.69 -21.12
N ASN C 12 11.50 23.39 -20.99
CA ASN C 12 12.80 22.77 -21.28
C ASN C 12 13.20 21.76 -20.22
N LYS C 13 12.82 21.99 -18.96
CA LYS C 13 13.04 21.00 -17.90
C LYS C 13 12.24 19.73 -18.18
N LEU C 14 10.96 19.88 -18.48
CA LEU C 14 10.13 18.73 -18.82
C LEU C 14 10.64 18.02 -20.06
N LEU C 15 11.11 18.79 -21.05
CA LEU C 15 11.74 18.18 -22.21
C LEU C 15 12.99 17.40 -21.82
N GLY C 16 13.78 17.92 -20.87
CA GLY C 16 14.93 17.16 -20.40
C GLY C 16 14.55 15.82 -19.81
N ASN C 17 13.48 15.79 -19.00
CA ASN C 17 12.97 14.51 -18.48
C ASN C 17 12.62 13.55 -19.59
N GLU C 18 11.91 14.02 -20.62
CA GLU C 18 11.50 13.12 -21.70
C GLU C 18 12.71 12.54 -22.44
N LEU C 19 13.75 13.35 -22.65
CA LEU C 19 14.93 12.88 -23.38
C LEU C 19 15.66 11.78 -22.62
N VAL C 20 15.75 11.89 -21.28
CA VAL C 20 16.32 10.79 -20.50
C VAL C 20 15.47 9.54 -20.68
N ALA C 21 14.15 9.68 -20.62
CA ALA C 21 13.27 8.53 -20.63
C ALA C 21 13.24 7.86 -22.00
N ILE C 22 13.36 8.65 -23.08
CA ILE C 22 13.49 8.06 -24.41
C ILE C 22 14.65 7.07 -24.44
N ASN C 23 15.82 7.49 -23.97
CA ASN C 23 17.00 6.62 -24.05
C ASN C 23 16.89 5.44 -23.10
N GLN C 24 16.42 5.69 -21.88
CA GLN C 24 16.38 4.62 -20.89
C GLN C 24 15.43 3.52 -21.35
N TYR C 25 14.24 3.90 -21.80
CA TYR C 25 13.28 2.91 -22.31
C TYR C 25 13.81 2.19 -23.54
N PHE C 26 14.46 2.93 -24.44
CA PHE C 26 15.05 2.35 -25.63
C PHE C 26 16.05 1.26 -25.28
N LEU C 27 17.03 1.59 -24.43
CA LEU C 27 18.03 0.61 -24.06
C LEU C 27 17.40 -0.54 -23.27
N HIS C 28 16.49 -0.24 -22.35
CA HIS C 28 15.86 -1.31 -21.58
C HIS C 28 15.13 -2.29 -22.49
N ALA C 29 14.42 -1.77 -23.49
CA ALA C 29 13.71 -2.63 -24.45
C ALA C 29 14.66 -3.59 -25.14
N ARG C 30 15.80 -3.08 -25.62
CA ARG C 30 16.72 -3.93 -26.36
C ARG C 30 17.47 -4.89 -25.44
N MET C 31 17.65 -4.53 -24.16
CA MET C 31 18.15 -5.54 -23.23
C MET C 31 17.14 -6.67 -23.02
N PHE C 32 15.86 -6.34 -22.89
CA PHE C 32 14.85 -7.37 -22.80
C PHE C 32 14.85 -8.25 -24.06
N LYS C 33 14.96 -7.62 -25.23
CA LYS C 33 15.04 -8.35 -26.49
C LYS C 33 16.24 -9.30 -26.51
N ASN C 34 17.41 -8.81 -26.09
CA ASN C 34 18.61 -9.63 -25.99
C ASN C 34 18.40 -10.86 -25.11
N TRP C 35 17.64 -10.71 -24.01
CA TRP C 35 17.32 -11.84 -23.13
C TRP C 35 16.19 -12.72 -23.66
N GLY C 36 15.61 -12.40 -24.81
CA GLY C 36 14.51 -13.19 -25.33
C GLY C 36 13.15 -12.87 -24.74
N LEU C 37 13.02 -11.76 -24.02
CA LEU C 37 11.75 -11.39 -23.38
C LEU C 37 10.97 -10.44 -24.30
N MET C 38 10.43 -11.02 -25.36
CA MET C 38 9.91 -10.23 -26.47
C MET C 38 8.74 -9.36 -26.06
N ARG C 39 7.91 -9.84 -25.11
CA ARG C 39 6.77 -9.04 -24.67
C ARG C 39 7.22 -7.76 -23.98
N LEU C 40 8.29 -7.82 -23.17
CA LEU C 40 8.75 -6.61 -22.49
C LEU C 40 9.42 -5.65 -23.46
N ASN C 41 10.20 -6.19 -24.40
CA ASN C 41 10.76 -5.40 -25.49
C ASN C 41 9.67 -4.59 -26.19
N ASP C 42 8.55 -5.24 -26.51
CA ASP C 42 7.47 -4.55 -27.22
C ASP C 42 6.89 -3.39 -26.41
N VAL C 43 6.57 -3.64 -25.13
CA VAL C 43 5.99 -2.60 -24.32
C VAL C 43 6.99 -1.48 -24.07
N GLU C 44 8.23 -1.83 -23.73
CA GLU C 44 9.20 -0.79 -23.38
C GLU C 44 9.56 0.03 -24.60
N TYR C 45 9.65 -0.61 -25.77
CA TYR C 45 9.91 0.14 -26.98
C TYR C 45 8.74 1.07 -27.31
N HIS C 46 7.51 0.59 -27.14
CA HIS C 46 6.36 1.48 -27.33
C HIS C 46 6.41 2.66 -26.36
N GLU C 47 6.85 2.44 -25.13
CA GLU C 47 6.91 3.55 -24.19
C GLU C 47 8.03 4.53 -24.53
N SER C 48 9.11 4.06 -25.18
CA SER C 48 10.13 4.97 -25.67
C SER C 48 9.58 5.89 -26.76
N ILE C 49 8.79 5.34 -27.69
CA ILE C 49 8.15 6.14 -28.74
C ILE C 49 7.19 7.16 -28.14
N ASP C 50 6.42 6.75 -27.11
CA ASP C 50 5.50 7.67 -26.46
C ASP C 50 6.23 8.84 -25.84
N GLU C 51 7.39 8.60 -25.20
CA GLU C 51 8.11 9.72 -24.63
C GLU C 51 8.71 10.61 -25.71
N HIS C 52 8.98 10.04 -26.89
CA HIS C 52 9.39 10.82 -28.04
C HIS C 52 8.26 11.73 -28.54
N LYS C 53 7.03 11.22 -28.59
CA LYS C 53 5.88 12.08 -28.85
C LYS C 53 5.78 13.23 -27.86
N HIS C 54 6.00 12.96 -26.57
CA HIS C 54 5.95 14.05 -25.59
C HIS C 54 7.07 15.06 -25.82
N ALA C 55 8.30 14.58 -26.06
CA ALA C 55 9.40 15.48 -26.41
C ALA C 55 9.08 16.35 -27.61
N ASP C 56 8.48 15.76 -28.66
CA ASP C 56 8.04 16.52 -29.83
C ASP C 56 7.05 17.62 -29.45
N LYS C 57 6.10 17.32 -28.55
CA LYS C 57 5.15 18.34 -28.12
C LYS C 57 5.84 19.50 -27.42
N TYR C 58 6.79 19.21 -26.52
CA TYR C 58 7.52 20.28 -25.85
C TYR C 58 8.31 21.13 -26.84
N ILE C 59 9.02 20.48 -27.77
CA ILE C 59 9.85 21.20 -28.74
C ILE C 59 9.02 22.16 -29.57
N GLU C 60 7.90 21.68 -30.11
CA GLU C 60 7.05 22.52 -30.95
C GLU C 60 6.41 23.65 -30.14
N ARG C 61 6.04 23.40 -28.89
CA ARG C 61 5.44 24.46 -28.08
C ARG C 61 6.46 25.54 -27.74
N ILE C 62 7.68 25.13 -27.37
CA ILE C 62 8.75 26.08 -27.09
C ILE C 62 9.06 26.93 -28.32
N LEU C 63 9.15 26.31 -29.50
CA LEU C 63 9.44 27.13 -30.67
C LEU C 63 8.29 28.09 -30.96
N PHE C 64 7.04 27.63 -30.80
CA PHE C 64 5.92 28.55 -30.97
C PHE C 64 6.02 29.74 -30.00
N LEU C 65 6.43 29.49 -28.76
CA LEU C 65 6.60 30.54 -27.75
C LEU C 65 7.90 31.29 -27.90
N GLU C 66 8.64 31.03 -28.99
CA GLU C 66 9.83 31.78 -29.38
C GLU C 66 10.97 31.59 -28.38
N GLY C 67 11.07 30.40 -27.80
CA GLY C 67 12.23 30.01 -27.02
C GLY C 67 13.14 29.05 -27.77
N ILE C 68 14.16 28.56 -27.07
CA ILE C 68 15.18 27.69 -27.66
C ILE C 68 15.11 26.32 -26.99
N PRO C 69 14.62 25.28 -27.68
CA PRO C 69 14.61 23.95 -27.05
C PRO C 69 16.03 23.47 -26.74
N ASN C 70 16.20 22.89 -25.56
CA ASN C 70 17.50 22.38 -25.11
C ASN C 70 17.49 20.86 -25.25
N LEU C 71 18.12 20.36 -26.31
CA LEU C 71 18.30 18.93 -26.50
C LEU C 71 19.72 18.49 -26.15
N GLN C 72 20.53 19.41 -25.63
CA GLN C 72 21.95 19.18 -25.39
C GLN C 72 22.23 18.53 -24.05
N ASP C 73 21.57 19.00 -23.00
CA ASP C 73 21.87 18.51 -21.65
C ASP C 73 21.02 17.27 -21.40
N LEU C 74 21.69 16.16 -21.16
CA LEU C 74 21.03 14.88 -20.92
C LEU C 74 21.27 14.50 -19.47
N GLY C 75 20.19 14.35 -18.70
CA GLY C 75 20.31 13.97 -17.31
C GLY C 75 20.83 12.53 -17.16
N LYS C 76 20.87 12.07 -15.92
CA LYS C 76 21.46 10.76 -15.61
C LYS C 76 20.47 9.65 -15.89
N LEU C 77 20.92 8.67 -16.63
CA LEU C 77 20.17 7.44 -16.86
C LEU C 77 20.43 6.46 -15.74
N GLY C 78 19.42 5.68 -15.41
CA GLY C 78 19.58 4.65 -14.40
C GLY C 78 19.25 3.30 -14.98
N ILE C 79 20.24 2.62 -15.56
CA ILE C 79 19.93 1.45 -16.37
C ILE C 79 19.46 0.30 -15.49
N GLY C 80 20.26 -0.11 -14.52
CA GLY C 80 19.87 -1.21 -13.69
C GLY C 80 20.20 -2.55 -14.34
N GLU C 81 20.10 -3.60 -13.55
CA GLU C 81 20.94 -4.74 -13.82
C GLU C 81 20.21 -6.09 -13.89
N ASP C 82 18.99 -6.20 -13.35
CA ASP C 82 18.07 -7.27 -13.71
C ASP C 82 16.71 -6.67 -14.01
N VAL C 83 15.73 -7.54 -14.27
CA VAL C 83 14.46 -7.07 -14.79
C VAL C 83 13.78 -6.12 -13.80
N GLU C 84 13.70 -6.53 -12.53
CA GLU C 84 12.97 -5.72 -11.56
C GLU C 84 13.68 -4.38 -11.30
N GLU C 85 15.01 -4.38 -11.26
CA GLU C 85 15.75 -3.14 -11.12
C GLU C 85 15.47 -2.19 -12.29
N MET C 86 15.41 -2.73 -13.52
CA MET C 86 15.15 -1.85 -14.66
C MET C 86 13.76 -1.23 -14.55
N LEU C 87 12.76 -2.02 -14.15
CA LEU C 87 11.41 -1.49 -14.02
C LEU C 87 11.32 -0.47 -12.89
N GLN C 88 11.99 -0.73 -11.76
CA GLN C 88 11.96 0.21 -10.65
C GLN C 88 12.57 1.54 -11.06
N SER C 89 13.62 1.49 -11.89
CA SER C 89 14.25 2.71 -12.36
C SER C 89 13.33 3.50 -13.28
N ASP C 90 12.65 2.81 -14.19
CA ASP C 90 11.61 3.47 -14.98
C ASP C 90 10.56 4.13 -14.10
N LEU C 91 10.09 3.40 -13.07
CA LEU C 91 9.09 3.95 -12.17
C LEU C 91 9.62 5.16 -11.42
N ALA C 92 10.84 5.07 -10.86
CA ALA C 92 11.40 6.21 -10.16
C ALA C 92 11.51 7.43 -11.07
N LEU C 93 11.93 7.22 -12.32
CA LEU C 93 12.02 8.32 -13.27
C LEU C 93 10.66 8.91 -13.58
N GLU C 94 9.64 8.05 -13.77
CA GLU C 94 8.29 8.56 -14.01
C GLU C 94 7.77 9.36 -12.82
N LEU C 95 8.01 8.89 -11.58
CA LEU C 95 7.50 9.66 -10.44
C LEU C 95 8.21 11.01 -10.33
N GLU C 96 9.51 11.03 -10.63
CA GLU C 96 10.22 12.30 -10.67
C GLU C 96 9.66 13.22 -11.74
N GLY C 97 9.38 12.65 -12.91
CA GLY C 97 8.82 13.45 -13.99
C GLY C 97 7.44 14.00 -13.66
N ALA C 98 6.60 13.18 -13.01
CA ALA C 98 5.25 13.62 -12.68
C ALA C 98 5.29 14.72 -11.62
N ASP C 99 6.25 14.63 -10.71
CA ASP C 99 6.49 15.69 -9.74
C ASP C 99 6.76 17.02 -10.43
N ASP C 100 7.64 17.04 -11.44
CA ASP C 100 7.93 18.28 -12.16
C ASP C 100 6.72 18.79 -12.94
N LEU C 101 5.93 17.88 -13.53
CA LEU C 101 4.74 18.28 -14.26
C LEU C 101 3.76 19.00 -13.36
N ARG C 102 3.57 18.48 -12.14
CA ARG C 102 2.62 19.08 -11.22
C ARG C 102 2.97 20.54 -10.95
N GLU C 103 4.26 20.82 -10.79
CA GLU C 103 4.71 22.18 -10.51
C GLU C 103 4.58 23.09 -11.73
N ALA C 104 4.94 22.60 -12.91
CA ALA C 104 4.77 23.39 -14.12
C ALA C 104 3.30 23.73 -14.37
N ILE C 105 2.41 22.76 -14.15
CA ILE C 105 0.98 22.98 -14.43
C ILE C 105 0.41 24.04 -13.51
N ALA C 106 0.81 24.01 -12.23
CA ALA C 106 0.37 25.05 -11.29
C ALA C 106 0.90 26.41 -11.70
N TYR C 107 2.19 26.50 -12.04
CA TYR C 107 2.74 27.78 -12.45
C TYR C 107 2.03 28.32 -13.69
N ALA C 108 1.75 27.45 -14.66
CA ALA C 108 1.14 27.89 -15.92
C ALA C 108 -0.21 28.54 -15.69
N ASP C 109 -0.99 27.99 -14.75
CA ASP C 109 -2.28 28.60 -14.43
C ASP C 109 -2.11 30.00 -13.83
N SER C 110 -1.04 30.23 -13.07
CA SER C 110 -0.84 31.54 -12.46
C SER C 110 -0.47 32.62 -13.48
N VAL C 111 0.17 32.26 -14.59
CA VAL C 111 0.47 33.23 -15.63
C VAL C 111 -0.48 33.11 -16.83
N HIS C 112 -1.57 32.35 -16.68
CA HIS C 112 -2.64 32.28 -17.67
C HIS C 112 -2.21 31.63 -18.98
N ASP C 113 -1.23 30.73 -18.95
CA ASP C 113 -0.83 30.01 -20.16
C ASP C 113 -1.62 28.70 -20.18
N TYR C 114 -2.90 28.83 -20.54
CA TYR C 114 -3.85 27.72 -20.37
C TYR C 114 -3.65 26.63 -21.42
N VAL C 115 -3.09 26.97 -22.59
CA VAL C 115 -2.84 25.95 -23.61
C VAL C 115 -1.62 25.10 -23.23
N SER C 116 -0.55 25.74 -22.76
CA SER C 116 0.57 24.97 -22.24
C SER C 116 0.11 24.08 -21.08
N ARG C 117 -0.72 24.63 -20.19
CA ARG C 117 -1.27 23.83 -19.10
C ARG C 117 -2.04 22.63 -19.63
N ASP C 118 -2.91 22.86 -20.61
CA ASP C 118 -3.74 21.78 -21.12
C ASP C 118 -2.89 20.67 -21.71
N MET C 119 -1.85 21.04 -22.46
CA MET C 119 -0.91 20.09 -23.04
C MET C 119 -0.21 19.26 -21.96
N MET C 120 0.31 19.92 -20.93
CA MET C 120 0.98 19.22 -19.83
C MET C 120 0.04 18.30 -19.05
N ILE C 121 -1.21 18.71 -18.84
CA ILE C 121 -2.15 17.83 -18.15
C ILE C 121 -2.38 16.56 -18.97
N GLU C 122 -2.42 16.67 -20.29
CA GLU C 122 -2.60 15.48 -21.13
C GLU C 122 -1.36 14.62 -21.13
N ILE C 123 -0.17 15.24 -21.12
CA ILE C 123 1.06 14.48 -20.94
C ILE C 123 1.09 13.80 -19.56
N LEU C 124 0.68 14.52 -18.50
CA LEU C 124 0.68 13.93 -17.15
C LEU C 124 -0.24 12.71 -17.08
N ALA C 125 -1.39 12.78 -17.76
CA ALA C 125 -2.29 11.64 -17.80
C ALA C 125 -1.62 10.42 -18.44
N ASP C 126 -0.85 10.65 -19.51
CA ASP C 126 -0.09 9.56 -20.13
C ASP C 126 0.92 8.98 -19.14
N GLU C 127 1.64 9.87 -18.43
CA GLU C 127 2.66 9.39 -17.49
C GLU C 127 2.05 8.59 -16.34
N GLU C 128 0.85 8.98 -15.87
CA GLU C 128 0.22 8.20 -14.82
C GLU C 128 -0.19 6.84 -15.34
N GLY C 129 -0.47 6.75 -16.64
CA GLY C 129 -0.70 5.47 -17.29
C GLY C 129 0.52 4.58 -17.33
N HIS C 130 1.69 5.15 -17.62
CA HIS C 130 2.93 4.37 -17.53
C HIS C 130 3.18 3.90 -16.10
N ILE C 131 2.98 4.79 -15.11
CA ILE C 131 3.23 4.45 -13.71
C ILE C 131 2.37 3.26 -13.29
N ASP C 132 1.10 3.27 -13.71
CA ASP C 132 0.19 2.17 -13.42
C ASP C 132 0.68 0.86 -14.03
N TRP C 133 1.14 0.89 -15.27
CA TRP C 133 1.65 -0.34 -15.87
C TRP C 133 2.87 -0.83 -15.09
N LEU C 134 3.79 0.09 -14.78
CA LEU C 134 5.01 -0.27 -14.07
C LEU C 134 4.69 -0.85 -12.70
N GLU C 135 3.89 -0.14 -11.89
CA GLU C 135 3.50 -0.64 -10.58
C GLU C 135 2.84 -2.01 -10.68
N THR C 136 2.02 -2.22 -11.70
CA THR C 136 1.33 -3.49 -11.87
C THR C 136 2.31 -4.62 -12.17
N GLU C 137 3.27 -4.38 -13.08
CA GLU C 137 4.26 -5.42 -13.39
C GLU C 137 5.12 -5.74 -12.17
N LEU C 138 5.49 -4.72 -11.40
CA LEU C 138 6.29 -4.95 -10.21
C LEU C 138 5.55 -5.81 -9.21
N ASP C 139 4.25 -5.56 -9.03
CA ASP C 139 3.44 -6.35 -8.09
C ASP C 139 3.29 -7.79 -8.57
N LEU C 140 3.17 -7.99 -9.88
CA LEU C 140 3.04 -9.34 -10.41
C LEU C 140 4.27 -10.18 -10.08
N ILE C 141 5.46 -9.61 -10.28
CA ILE C 141 6.69 -10.31 -9.93
C ILE C 141 6.60 -10.86 -8.51
N GLY C 142 6.02 -10.07 -7.59
CA GLY C 142 5.94 -10.49 -6.21
C GLY C 142 4.85 -11.50 -5.94
N LYS C 143 3.82 -11.55 -6.79
CA LYS C 143 2.73 -12.49 -6.60
C LYS C 143 3.03 -13.84 -7.27
N ILE C 144 3.53 -13.86 -8.51
CA ILE C 144 3.71 -15.12 -9.22
C ILE C 144 5.16 -15.58 -9.23
N GLY C 145 6.09 -14.78 -8.72
CA GLY C 145 7.48 -15.19 -8.65
C GLY C 145 8.22 -14.86 -9.94
N LEU C 146 9.52 -14.59 -9.85
CA LEU C 146 10.28 -14.13 -11.01
C LEU C 146 10.31 -15.17 -12.14
N GLN C 147 10.39 -16.46 -11.80
CA GLN C 147 10.49 -17.45 -12.87
C GLN C 147 9.25 -17.44 -13.74
N ASN C 148 8.08 -17.43 -13.10
CA ASN C 148 6.80 -17.40 -13.82
C ASN C 148 6.62 -16.06 -14.55
N TYR C 149 7.00 -14.95 -13.88
CA TYR C 149 6.88 -13.64 -14.52
C TYR C 149 7.69 -13.58 -15.80
N LEU C 150 8.96 -13.97 -15.74
CA LEU C 150 9.80 -13.90 -16.92
C LEU C 150 9.28 -14.83 -18.01
N GLN C 151 8.81 -16.03 -17.63
CA GLN C 151 8.27 -16.97 -18.60
C GLN C 151 7.16 -16.33 -19.43
N SER C 152 6.28 -15.57 -18.79
CA SER C 152 5.17 -15.00 -19.54
C SER C 152 5.54 -13.75 -20.33
N GLN C 153 6.81 -13.34 -20.30
CA GLN C 153 7.30 -12.26 -21.16
C GLN C 153 7.99 -12.77 -22.42
N ILE C 154 8.02 -14.09 -22.65
CA ILE C 154 8.76 -14.62 -23.79
C ILE C 154 8.02 -14.35 -25.10
N LYS C 155 6.73 -14.65 -25.15
CA LYS C 155 5.89 -14.45 -26.34
C LYS C 155 5.05 -13.18 -26.24
N VAL C 156 4.54 -12.69 -27.40
CA VAL C 156 4.12 -11.29 -27.57
C VAL C 156 2.61 -11.06 -27.46
N LYS C 157 2.25 -9.79 -27.31
CA LYS C 157 1.17 -9.28 -26.46
C LYS C 157 0.01 -8.75 -27.29
N ASP C 158 -1.21 -9.22 -27.01
CA ASP C 158 -2.46 -8.69 -27.59
C ASP C 158 -3.56 -8.54 -26.52
N MET D 1 -0.75 0.63 8.40
CA MET D 1 -1.69 1.73 8.67
C MET D 1 -1.17 3.01 8.01
N LYS D 2 -2.01 3.72 7.25
CA LYS D 2 -1.52 4.82 6.41
C LYS D 2 -1.16 6.02 7.28
N GLY D 3 0.15 6.32 7.38
CA GLY D 3 0.57 7.46 8.15
C GLY D 3 0.38 8.78 7.41
N ASP D 4 0.35 9.87 8.19
CA ASP D 4 0.40 11.21 7.63
C ASP D 4 1.67 11.39 6.80
N VAL D 5 1.55 12.06 5.65
CA VAL D 5 2.67 12.14 4.71
C VAL D 5 3.82 12.95 5.29
N LYS D 6 3.51 14.11 5.88
CA LYS D 6 4.58 14.94 6.44
C LYS D 6 5.22 14.29 7.66
N ILE D 7 4.47 13.48 8.42
CA ILE D 7 5.03 12.71 9.53
C ILE D 7 6.15 11.80 9.03
N ILE D 8 5.89 11.09 7.93
CA ILE D 8 6.91 10.22 7.35
C ILE D 8 8.13 11.03 6.92
N ASN D 9 7.92 12.23 6.34
CA ASN D 9 9.06 13.10 6.03
C ASN D 9 9.85 13.47 7.28
N TYR D 10 9.17 13.82 8.37
CA TYR D 10 9.90 14.16 9.60
C TYR D 10 10.69 12.97 10.12
N LEU D 11 10.07 11.79 10.08
CA LEU D 11 10.73 10.60 10.60
C LEU D 11 11.97 10.26 9.76
N ASN D 12 11.87 10.41 8.43
CA ASN D 12 13.04 10.20 7.59
C ASN D 12 14.10 11.27 7.81
N LYS D 13 13.70 12.49 8.17
CA LYS D 13 14.69 13.49 8.54
C LYS D 13 15.39 13.10 9.84
N LEU D 14 14.62 12.74 10.87
CA LEU D 14 15.22 12.27 12.12
C LEU D 14 16.11 11.05 11.90
N LEU D 15 15.67 10.09 11.08
CA LEU D 15 16.51 8.94 10.76
C LEU D 15 17.84 9.37 10.14
N GLY D 16 17.80 10.33 9.22
CA GLY D 16 19.04 10.88 8.67
C GLY D 16 19.99 11.38 9.74
N ASN D 17 19.47 12.11 10.73
CA ASN D 17 20.30 12.54 11.86
C ASN D 17 20.93 11.34 12.56
N GLU D 18 20.11 10.33 12.88
CA GLU D 18 20.65 9.18 13.58
C GLU D 18 21.75 8.50 12.78
N LEU D 19 21.58 8.46 11.45
CA LEU D 19 22.56 7.74 10.63
C LEU D 19 23.91 8.42 10.65
N VAL D 20 23.95 9.77 10.73
CA VAL D 20 25.26 10.41 10.74
C VAL D 20 25.87 10.23 12.12
N ALA D 21 25.05 10.21 13.18
CA ALA D 21 25.55 10.04 14.54
C ALA D 21 26.12 8.65 14.76
N ILE D 22 25.47 7.62 14.23
CA ILE D 22 26.05 6.28 14.26
C ILE D 22 27.49 6.30 13.73
N ASN D 23 27.68 6.88 12.54
CA ASN D 23 29.00 6.79 11.91
C ASN D 23 30.01 7.69 12.61
N GLN D 24 29.56 8.87 13.05
CA GLN D 24 30.44 9.79 13.76
C GLN D 24 30.87 9.19 15.09
N TYR D 25 29.92 8.68 15.86
CA TYR D 25 30.24 8.09 17.15
C TYR D 25 31.11 6.84 16.98
N PHE D 26 30.85 6.06 15.93
CA PHE D 26 31.60 4.83 15.67
C PHE D 26 33.07 5.14 15.41
N LEU D 27 33.33 6.11 14.54
CA LEU D 27 34.71 6.44 14.20
C LEU D 27 35.42 7.09 15.38
N HIS D 28 34.75 8.04 16.04
CA HIS D 28 35.33 8.65 17.23
C HIS D 28 35.71 7.58 18.26
N ALA D 29 34.83 6.60 18.48
CA ALA D 29 35.12 5.57 19.47
C ALA D 29 36.42 4.83 19.13
N ARG D 30 36.62 4.48 17.85
CA ARG D 30 37.81 3.73 17.47
C ARG D 30 39.07 4.61 17.42
N MET D 31 38.91 5.93 17.17
CA MET D 31 40.04 6.82 17.34
C MET D 31 40.49 6.88 18.79
N PHE D 32 39.53 7.02 19.73
CA PHE D 32 39.87 6.96 21.15
C PHE D 32 40.58 5.66 21.48
N LYS D 33 40.10 4.53 20.93
CA LYS D 33 40.70 3.24 21.23
C LYS D 33 42.11 3.18 20.66
N ASN D 34 42.31 3.74 19.47
CA ASN D 34 43.64 3.76 18.87
C ASN D 34 44.62 4.53 19.75
N TRP D 35 44.16 5.60 20.41
CA TRP D 35 44.99 6.40 21.31
C TRP D 35 45.13 5.78 22.70
N GLY D 36 44.47 4.68 23.00
CA GLY D 36 44.60 4.08 24.30
C GLY D 36 43.63 4.57 25.34
N LEU D 37 42.66 5.40 24.96
CA LEU D 37 41.67 5.96 25.90
C LEU D 37 40.46 5.03 25.93
N MET D 38 40.60 3.96 26.70
CA MET D 38 39.63 2.88 26.63
C MET D 38 38.31 3.24 27.30
N ARG D 39 38.34 4.15 28.27
CA ARG D 39 37.10 4.64 28.85
C ARG D 39 36.27 5.42 27.83
N LEU D 40 36.91 6.27 27.04
CA LEU D 40 36.18 7.04 26.04
C LEU D 40 35.73 6.16 24.88
N ASN D 41 36.55 5.19 24.49
CA ASN D 41 36.12 4.20 23.50
C ASN D 41 34.83 3.53 23.96
N ASP D 42 34.77 3.09 25.22
CA ASP D 42 33.62 2.34 25.72
C ASP D 42 32.36 3.18 25.70
N VAL D 43 32.44 4.44 26.12
CA VAL D 43 31.23 5.24 26.20
C VAL D 43 30.78 5.64 24.80
N GLU D 44 31.71 6.11 23.96
CA GLU D 44 31.34 6.57 22.62
C GLU D 44 30.84 5.44 21.75
N TYR D 45 31.38 4.24 21.94
CA TYR D 45 30.87 3.10 21.20
C TYR D 45 29.46 2.80 21.64
N HIS D 46 29.22 2.82 22.96
CA HIS D 46 27.87 2.59 23.44
C HIS D 46 26.91 3.65 22.91
N GLU D 47 27.36 4.90 22.76
CA GLU D 47 26.45 5.89 22.19
C GLU D 47 26.19 5.65 20.71
N SER D 48 27.17 5.13 19.96
CA SER D 48 26.93 4.71 18.59
C SER D 48 25.82 3.66 18.50
N ILE D 49 25.84 2.66 19.39
CA ILE D 49 24.79 1.63 19.43
C ILE D 49 23.44 2.24 19.82
N ASP D 50 23.43 3.16 20.79
CA ASP D 50 22.19 3.84 21.16
C ASP D 50 21.56 4.55 19.96
N GLU D 51 22.36 5.25 19.15
CA GLU D 51 21.80 5.88 17.96
C GLU D 51 21.31 4.85 16.96
N HIS D 52 21.97 3.68 16.90
CA HIS D 52 21.47 2.59 16.08
C HIS D 52 20.11 2.10 16.56
N LYS D 53 19.90 2.04 17.88
CA LYS D 53 18.59 1.68 18.42
C LYS D 53 17.52 2.69 18.01
N HIS D 54 17.86 3.98 17.97
CA HIS D 54 16.90 5.01 17.55
C HIS D 54 16.56 4.88 16.08
N ALA D 55 17.59 4.71 15.24
CA ALA D 55 17.37 4.51 13.82
C ALA D 55 16.42 3.32 13.61
N ASP D 56 16.65 2.24 14.35
CA ASP D 56 15.76 1.09 14.28
C ASP D 56 14.31 1.50 14.56
N LYS D 57 14.07 2.24 15.64
CA LYS D 57 12.74 2.75 15.93
C LYS D 57 12.13 3.49 14.74
N TYR D 58 12.86 4.46 14.19
CA TYR D 58 12.34 5.23 13.08
C TYR D 58 12.03 4.34 11.89
N ILE D 59 12.94 3.41 11.58
CA ILE D 59 12.76 2.53 10.42
C ILE D 59 11.49 1.71 10.56
N GLU D 60 11.30 1.08 11.73
CA GLU D 60 10.15 0.22 11.95
C GLU D 60 8.87 1.04 11.98
N ARG D 61 8.93 2.24 12.56
CA ARG D 61 7.77 3.12 12.60
C ARG D 61 7.39 3.61 11.18
N ILE D 62 8.40 3.99 10.38
CA ILE D 62 8.12 4.38 9.00
C ILE D 62 7.52 3.22 8.21
N LEU D 63 8.05 2.00 8.36
CA LEU D 63 7.46 0.90 7.59
C LEU D 63 6.04 0.60 8.05
N PHE D 64 5.79 0.67 9.37
CA PHE D 64 4.43 0.44 9.87
C PHE D 64 3.46 1.44 9.27
N LEU D 65 3.88 2.70 9.15
CA LEU D 65 3.07 3.78 8.60
C LEU D 65 3.07 3.79 7.07
N GLU D 66 3.65 2.76 6.45
CA GLU D 66 3.63 2.55 5.00
C GLU D 66 4.38 3.65 4.24
N GLY D 67 5.42 4.22 4.84
CA GLY D 67 6.38 5.03 4.12
C GLY D 67 7.62 4.23 3.73
N ILE D 68 8.59 4.93 3.17
CA ILE D 68 9.81 4.28 2.65
C ILE D 68 11.02 4.84 3.37
N PRO D 69 11.68 4.05 4.22
CA PRO D 69 12.83 4.58 4.97
C PRO D 69 13.96 4.92 4.02
N ASN D 70 14.51 6.12 4.18
CA ASN D 70 15.65 6.59 3.40
C ASN D 70 16.92 6.35 4.20
N LEU D 71 17.66 5.30 3.86
CA LEU D 71 18.99 5.06 4.41
C LEU D 71 20.09 5.38 3.39
N GLN D 72 19.77 6.13 2.34
CA GLN D 72 20.71 6.36 1.24
C GLN D 72 21.48 7.65 1.38
N ASP D 73 20.84 8.70 1.89
CA ASP D 73 21.41 10.03 1.92
C ASP D 73 22.00 10.25 3.30
N LEU D 74 23.33 10.27 3.38
CA LEU D 74 24.06 10.49 4.62
C LEU D 74 24.53 11.95 4.63
N GLY D 75 24.16 12.68 5.69
CA GLY D 75 24.56 14.06 5.83
C GLY D 75 26.04 14.16 6.17
N LYS D 76 26.44 15.40 6.51
CA LYS D 76 27.85 15.72 6.73
C LYS D 76 28.30 15.22 8.10
N LEU D 77 29.35 14.41 8.12
CA LEU D 77 30.05 14.05 9.34
C LEU D 77 31.00 15.17 9.76
N GLY D 78 31.23 15.28 11.06
CA GLY D 78 32.24 16.22 11.53
C GLY D 78 33.21 15.51 12.45
N ILE D 79 34.33 15.02 11.90
CA ILE D 79 35.17 14.10 12.66
C ILE D 79 36.06 14.85 13.65
N GLY D 80 36.87 15.77 13.18
CA GLY D 80 37.62 16.37 14.29
C GLY D 80 38.86 15.57 14.65
N GLU D 81 39.85 16.29 15.18
CA GLU D 81 41.23 15.82 15.19
C GLU D 81 41.77 15.47 16.56
N ASP D 82 41.22 16.04 17.63
CA ASP D 82 41.74 15.81 18.97
C ASP D 82 40.54 15.69 19.90
N VAL D 83 40.77 15.26 21.15
CA VAL D 83 39.66 14.81 21.98
C VAL D 83 38.62 15.92 22.16
N GLU D 84 39.08 17.11 22.50
CA GLU D 84 38.16 18.20 22.78
C GLU D 84 37.37 18.59 21.55
N GLU D 85 38.00 18.57 20.37
CA GLU D 85 37.28 18.87 19.15
C GLU D 85 36.25 17.79 18.83
N MET D 86 36.58 16.51 19.11
CA MET D 86 35.63 15.45 18.78
C MET D 86 34.39 15.55 19.66
N LEU D 87 34.57 15.76 20.96
CA LEU D 87 33.43 15.95 21.85
C LEU D 87 32.59 17.16 21.44
N GLN D 88 33.24 18.26 21.05
CA GLN D 88 32.47 19.45 20.69
C GLN D 88 31.64 19.22 19.43
N SER D 89 32.19 18.43 18.49
CA SER D 89 31.44 18.07 17.29
C SER D 89 30.23 17.17 17.61
N ASP D 90 30.41 16.19 18.50
CA ASP D 90 29.28 15.39 18.95
C ASP D 90 28.21 16.27 19.61
N LEU D 91 28.64 17.23 20.42
CA LEU D 91 27.68 18.12 21.08
C LEU D 91 26.92 18.97 20.07
N ALA D 92 27.63 19.59 19.10
CA ALA D 92 26.95 20.37 18.07
C ALA D 92 25.91 19.52 17.34
N LEU D 93 26.31 18.30 16.95
CA LEU D 93 25.40 17.38 16.28
C LEU D 93 24.19 17.03 17.14
N GLU D 94 24.40 16.78 18.45
CA GLU D 94 23.28 16.46 19.33
C GLU D 94 22.34 17.66 19.51
N LEU D 95 22.88 18.88 19.54
CA LEU D 95 21.99 20.03 19.65
C LEU D 95 21.16 20.23 18.40
N GLU D 96 21.77 20.02 17.22
CA GLU D 96 21.01 20.13 15.97
C GLU D 96 19.89 19.09 15.93
N GLY D 97 20.17 17.86 16.38
CA GLY D 97 19.15 16.84 16.36
C GLY D 97 18.02 17.12 17.33
N ALA D 98 18.33 17.73 18.47
CA ALA D 98 17.28 18.03 19.43
C ALA D 98 16.32 19.06 18.87
N ASP D 99 16.87 20.06 18.20
CA ASP D 99 16.09 21.08 17.51
C ASP D 99 15.11 20.43 16.52
N ASP D 100 15.59 19.50 15.70
CA ASP D 100 14.71 18.81 14.75
C ASP D 100 13.64 18.01 15.47
N LEU D 101 14.00 17.37 16.59
CA LEU D 101 13.04 16.56 17.31
C LEU D 101 11.89 17.40 17.86
N ARG D 102 12.21 18.59 18.40
CA ARG D 102 11.17 19.46 18.95
C ARG D 102 10.17 19.86 17.88
N GLU D 103 10.65 20.17 16.68
CA GLU D 103 9.76 20.54 15.60
C GLU D 103 8.87 19.35 15.21
N ALA D 104 9.45 18.15 15.13
CA ALA D 104 8.66 16.99 14.75
C ALA D 104 7.62 16.68 15.83
N ILE D 105 7.99 16.80 17.10
CA ILE D 105 7.08 16.45 18.17
C ILE D 105 5.88 17.39 18.17
N ALA D 106 6.14 18.69 17.94
CA ALA D 106 5.04 19.66 17.84
C ALA D 106 4.13 19.31 16.68
N TYR D 107 4.71 18.99 15.52
CA TYR D 107 3.88 18.68 14.36
C TYR D 107 3.05 17.43 14.60
N ALA D 108 3.65 16.39 15.16
CA ALA D 108 2.95 15.12 15.33
C ALA D 108 1.70 15.32 16.18
N ASP D 109 1.78 16.20 17.17
CA ASP D 109 0.63 16.50 18.00
C ASP D 109 -0.49 17.15 17.19
N SER D 110 -0.15 18.01 16.23
CA SER D 110 -1.17 18.74 15.48
C SER D 110 -1.94 17.86 14.50
N VAL D 111 -1.38 16.70 14.10
CA VAL D 111 -2.08 15.72 13.27
C VAL D 111 -2.49 14.48 14.06
N HIS D 112 -2.43 14.54 15.40
CA HIS D 112 -2.92 13.50 16.29
C HIS D 112 -2.19 12.16 16.11
N ASP D 113 -0.90 12.19 15.75
CA ASP D 113 -0.08 10.97 15.72
C ASP D 113 0.67 10.91 17.05
N TYR D 114 -0.07 10.52 18.09
CA TYR D 114 0.43 10.55 19.45
C TYR D 114 1.42 9.43 19.74
N VAL D 115 1.32 8.30 19.05
CA VAL D 115 2.30 7.23 19.25
C VAL D 115 3.66 7.61 18.67
N SER D 116 3.68 8.20 17.48
CA SER D 116 4.93 8.76 16.95
C SER D 116 5.48 9.84 17.87
N ARG D 117 4.60 10.70 18.39
CA ARG D 117 5.04 11.74 19.32
C ARG D 117 5.66 11.13 20.57
N ASP D 118 5.01 10.11 21.13
CA ASP D 118 5.51 9.47 22.33
C ASP D 118 6.89 8.83 22.07
N MET D 119 7.00 8.10 20.97
CA MET D 119 8.29 7.54 20.57
C MET D 119 9.37 8.61 20.48
N MET D 120 9.06 9.74 19.85
CA MET D 120 10.05 10.80 19.69
C MET D 120 10.41 11.45 21.01
N ILE D 121 9.46 11.55 21.96
CA ILE D 121 9.78 12.20 23.23
C ILE D 121 10.77 11.36 24.04
N GLU D 122 10.67 10.03 23.96
CA GLU D 122 11.69 9.19 24.57
C GLU D 122 13.04 9.26 23.90
N ILE D 123 13.08 9.38 22.57
CA ILE D 123 14.36 9.57 21.89
C ILE D 123 14.99 10.90 22.31
N LEU D 124 14.15 11.93 22.48
CA LEU D 124 14.66 13.24 22.88
C LEU D 124 15.20 13.22 24.30
N ALA D 125 14.53 12.52 25.22
CA ALA D 125 15.07 12.36 26.56
C ALA D 125 16.45 11.68 26.52
N ASP D 126 16.60 10.63 25.71
CA ASP D 126 17.90 10.00 25.52
C ASP D 126 18.94 10.98 25.01
N GLU D 127 18.56 11.79 24.01
CA GLU D 127 19.53 12.71 23.44
C GLU D 127 19.91 13.80 24.43
N GLU D 128 18.96 14.28 25.25
CA GLU D 128 19.34 15.24 26.28
C GLU D 128 20.24 14.60 27.33
N GLY D 129 20.11 13.28 27.54
CA GLY D 129 21.09 12.58 28.36
C GLY D 129 22.49 12.59 27.75
N HIS D 130 22.59 12.36 26.44
CA HIS D 130 23.90 12.44 25.77
C HIS D 130 24.46 13.86 25.85
N ILE D 131 23.59 14.86 25.70
CA ILE D 131 24.03 16.25 25.76
C ILE D 131 24.57 16.57 27.15
N ASP D 132 23.93 16.02 28.18
CA ASP D 132 24.41 16.21 29.55
C ASP D 132 25.80 15.59 29.73
N TRP D 133 25.99 14.37 29.23
CA TRP D 133 27.29 13.73 29.39
C TRP D 133 28.39 14.52 28.66
N LEU D 134 28.13 14.91 27.41
CA LEU D 134 29.11 15.68 26.64
C LEU D 134 29.47 17.00 27.33
N GLU D 135 28.46 17.75 27.79
CA GLU D 135 28.72 19.04 28.43
C GLU D 135 29.53 18.85 29.72
N THR D 136 29.28 17.78 30.45
CA THR D 136 30.04 17.52 31.66
C THR D 136 31.49 17.16 31.34
N GLU D 137 31.70 16.32 30.32
CA GLU D 137 33.06 15.95 29.96
C GLU D 137 33.85 17.18 29.51
N LEU D 138 33.23 18.05 28.71
CA LEU D 138 33.96 19.22 28.22
C LEU D 138 34.31 20.18 29.35
N ASP D 139 33.39 20.36 30.31
CA ASP D 139 33.70 21.18 31.48
C ASP D 139 34.79 20.56 32.35
N LEU D 140 34.85 19.23 32.44
CA LEU D 140 35.89 18.58 33.24
C LEU D 140 37.28 18.81 32.66
N ILE D 141 37.39 18.90 31.33
CA ILE D 141 38.67 19.27 30.73
C ILE D 141 39.11 20.61 31.26
N GLY D 142 38.21 21.58 31.25
CA GLY D 142 38.55 22.91 31.77
C GLY D 142 38.89 22.91 33.26
N LYS D 143 38.21 22.07 34.05
CA LYS D 143 38.43 22.04 35.48
C LYS D 143 39.71 21.31 35.89
N ILE D 144 40.04 20.18 35.27
CA ILE D 144 41.17 19.39 35.73
C ILE D 144 42.36 19.44 34.78
N GLY D 145 42.21 20.00 33.59
CA GLY D 145 43.27 20.09 32.59
C GLY D 145 43.27 18.90 31.66
N LEU D 146 43.67 19.15 30.41
CA LEU D 146 43.64 18.10 29.39
C LEU D 146 44.50 16.89 29.79
N GLN D 147 45.64 17.11 30.45
CA GLN D 147 46.49 15.95 30.76
C GLN D 147 45.87 15.04 31.83
N ASN D 148 45.29 15.62 32.89
CA ASN D 148 44.57 14.81 33.88
C ASN D 148 43.33 14.16 33.26
N TYR D 149 42.59 14.93 32.46
CA TYR D 149 41.41 14.39 31.81
C TYR D 149 41.74 13.18 30.95
N LEU D 150 42.78 13.28 30.12
CA LEU D 150 43.12 12.15 29.26
C LEU D 150 43.59 10.97 30.08
N GLN D 151 44.36 11.23 31.15
CA GLN D 151 44.83 10.17 32.01
C GLN D 151 43.67 9.34 32.56
N SER D 152 42.62 10.00 33.03
CA SER D 152 41.59 9.15 33.62
C SER D 152 40.61 8.58 32.59
N GLN D 153 40.88 8.74 31.30
CA GLN D 153 40.19 7.98 30.26
C GLN D 153 40.95 6.71 29.87
N ILE D 154 42.12 6.44 30.46
CA ILE D 154 42.92 5.31 30.01
C ILE D 154 42.26 3.98 30.40
N LYS D 155 41.87 3.83 31.66
CA LYS D 155 41.27 2.61 32.19
C LYS D 155 39.74 2.68 32.28
N VAL D 156 39.09 1.51 32.34
CA VAL D 156 37.67 1.35 31.96
C VAL D 156 36.70 1.54 33.13
N LYS D 157 35.43 1.86 32.76
CA LYS D 157 34.45 2.61 33.58
C LYS D 157 33.39 1.70 34.23
N ASP D 158 33.23 1.85 35.56
CA ASP D 158 32.05 1.34 36.29
C ASP D 158 31.47 2.44 37.20
N MET E 1 0.04 4.15 -7.08
CA MET E 1 0.50 5.51 -6.75
C MET E 1 -0.32 6.04 -5.60
N LYS E 2 0.36 6.36 -4.49
CA LYS E 2 -0.33 6.82 -3.28
C LYS E 2 -1.11 8.09 -3.55
N GLY E 3 -2.44 8.03 -3.39
CA GLY E 3 -3.26 9.20 -3.64
C GLY E 3 -3.50 10.04 -2.39
N ASP E 4 -3.87 11.31 -2.59
CA ASP E 4 -4.25 12.18 -1.49
C ASP E 4 -5.47 11.61 -0.76
N VAL E 5 -5.43 11.64 0.58
CA VAL E 5 -6.47 10.99 1.38
C VAL E 5 -7.85 11.57 1.06
N LYS E 6 -7.98 12.90 1.08
CA LYS E 6 -9.28 13.49 0.84
C LYS E 6 -9.75 13.28 -0.57
N ILE E 7 -8.82 13.31 -1.53
CA ILE E 7 -9.17 13.03 -2.92
C ILE E 7 -9.95 11.73 -2.98
N ILE E 8 -9.42 10.69 -2.33
CA ILE E 8 -10.09 9.40 -2.30
C ILE E 8 -11.45 9.51 -1.60
N ASN E 9 -11.56 10.38 -0.60
CA ASN E 9 -12.86 10.57 0.05
C ASN E 9 -13.84 11.28 -0.88
N TYR E 10 -13.37 12.28 -1.65
CA TYR E 10 -14.25 12.91 -2.63
C TYR E 10 -14.69 11.93 -3.70
N LEU E 11 -13.77 11.10 -4.17
CA LEU E 11 -14.08 10.17 -5.25
C LEU E 11 -15.11 9.13 -4.80
N ASN E 12 -15.00 8.66 -3.56
CA ASN E 12 -15.99 7.72 -3.02
C ASN E 12 -17.34 8.39 -2.80
N LYS E 13 -17.36 9.67 -2.44
CA LYS E 13 -18.63 10.38 -2.36
C LYS E 13 -19.26 10.53 -3.74
N LEU E 14 -18.45 10.87 -4.76
CA LEU E 14 -19.01 10.99 -6.11
C LEU E 14 -19.43 9.63 -6.64
N LEU E 15 -18.69 8.58 -6.29
CA LEU E 15 -19.09 7.23 -6.64
C LEU E 15 -20.45 6.90 -6.01
N GLY E 16 -20.61 7.25 -4.73
CA GLY E 16 -21.92 7.09 -4.09
C GLY E 16 -23.04 7.77 -4.84
N ASN E 17 -22.83 9.01 -5.26
CA ASN E 17 -23.83 9.68 -6.10
C ASN E 17 -24.17 8.85 -7.35
N GLU E 18 -23.15 8.37 -8.08
CA GLU E 18 -23.40 7.62 -9.29
C GLU E 18 -24.17 6.34 -9.02
N LEU E 19 -23.92 5.68 -7.89
CA LEU E 19 -24.60 4.43 -7.60
C LEU E 19 -26.09 4.64 -7.36
N VAL E 20 -26.49 5.76 -6.76
CA VAL E 20 -27.92 5.98 -6.61
C VAL E 20 -28.55 6.30 -7.95
N ALA E 21 -27.88 7.10 -8.79
CA ALA E 21 -28.41 7.44 -10.10
C ALA E 21 -28.58 6.20 -10.98
N ILE E 22 -27.60 5.30 -10.98
CA ILE E 22 -27.73 4.05 -11.72
C ILE E 22 -29.03 3.34 -11.40
N ASN E 23 -29.33 3.18 -10.10
CA ASN E 23 -30.52 2.44 -9.70
C ASN E 23 -31.79 3.22 -9.97
N GLN E 24 -31.78 4.54 -9.78
CA GLN E 24 -32.99 5.32 -9.98
C GLN E 24 -33.35 5.37 -11.47
N TYR E 25 -32.36 5.66 -12.31
CA TYR E 25 -32.59 5.69 -13.75
C TYR E 25 -33.00 4.32 -14.27
N PHE E 26 -32.38 3.26 -13.72
CA PHE E 26 -32.75 1.88 -14.07
C PHE E 26 -34.22 1.62 -13.78
N LEU E 27 -34.68 1.93 -12.56
CA LEU E 27 -36.07 1.68 -12.22
C LEU E 27 -37.00 2.60 -13.00
N HIS E 28 -36.65 3.87 -13.13
CA HIS E 28 -37.48 4.80 -13.89
C HIS E 28 -37.66 4.30 -15.33
N ALA E 29 -36.59 3.82 -15.96
CA ALA E 29 -36.65 3.32 -17.32
C ALA E 29 -37.68 2.21 -17.46
N ARG E 30 -37.60 1.19 -16.60
CA ARG E 30 -38.50 0.06 -16.72
C ARG E 30 -39.93 0.42 -16.29
N MET E 31 -40.09 1.43 -15.45
CA MET E 31 -41.43 1.96 -15.19
C MET E 31 -42.00 2.61 -16.46
N PHE E 32 -41.18 3.41 -17.16
CA PHE E 32 -41.61 3.96 -18.45
C PHE E 32 -41.96 2.84 -19.42
N LYS E 33 -41.15 1.79 -19.46
CA LYS E 33 -41.40 0.68 -20.37
C LYS E 33 -42.68 -0.05 -20.04
N ASN E 34 -42.93 -0.29 -18.75
CA ASN E 34 -44.20 -0.86 -18.30
C ASN E 34 -45.39 0.00 -18.73
N TRP E 35 -45.22 1.33 -18.80
CA TRP E 35 -46.29 2.19 -19.27
C TRP E 35 -46.36 2.30 -20.80
N GLY E 36 -45.53 1.56 -21.53
CA GLY E 36 -45.54 1.68 -22.97
C GLY E 36 -44.90 2.93 -23.53
N LEU E 37 -44.15 3.68 -22.74
CA LEU E 37 -43.45 4.87 -23.22
C LEU E 37 -42.03 4.49 -23.65
N MET E 38 -41.94 3.85 -24.82
CA MET E 38 -40.68 3.21 -25.21
C MET E 38 -39.57 4.21 -25.50
N ARG E 39 -39.91 5.44 -25.93
CA ARG E 39 -38.88 6.44 -26.17
C ARG E 39 -38.20 6.84 -24.87
N LEU E 40 -38.98 6.93 -23.78
CA LEU E 40 -38.42 7.31 -22.49
C LEU E 40 -37.69 6.14 -21.85
N ASN E 41 -38.19 4.91 -22.04
CA ASN E 41 -37.43 3.74 -21.62
C ASN E 41 -36.05 3.76 -22.24
N ASP E 42 -35.97 4.05 -23.54
CA ASP E 42 -34.71 4.03 -24.26
C ASP E 42 -33.73 5.07 -23.69
N VAL E 43 -34.18 6.32 -23.52
CA VAL E 43 -33.26 7.37 -23.07
C VAL E 43 -32.85 7.17 -21.62
N GLU E 44 -33.83 6.90 -20.73
CA GLU E 44 -33.50 6.75 -19.31
C GLU E 44 -32.58 5.57 -19.06
N TYR E 45 -32.83 4.44 -19.72
CA TYR E 45 -31.93 3.31 -19.60
C TYR E 45 -30.52 3.67 -20.04
N HIS E 46 -30.40 4.38 -21.17
CA HIS E 46 -29.09 4.82 -21.62
C HIS E 46 -28.39 5.67 -20.57
N GLU E 47 -29.14 6.58 -19.93
CA GLU E 47 -28.51 7.38 -18.88
C GLU E 47 -28.09 6.53 -17.67
N SER E 48 -28.83 5.46 -17.38
CA SER E 48 -28.40 4.51 -16.34
C SER E 48 -27.06 3.86 -16.72
N ILE E 49 -26.91 3.48 -17.98
CA ILE E 49 -25.64 2.95 -18.49
C ILE E 49 -24.54 4.01 -18.42
N ASP E 50 -24.89 5.28 -18.67
CA ASP E 50 -23.88 6.34 -18.62
C ASP E 50 -23.35 6.55 -17.20
N GLU E 51 -24.23 6.49 -16.20
CA GLU E 51 -23.75 6.65 -14.82
C GLU E 51 -22.90 5.45 -14.40
N HIS E 52 -23.25 4.25 -14.88
CA HIS E 52 -22.41 3.09 -14.65
C HIS E 52 -21.00 3.29 -15.22
N LYS E 53 -20.90 3.96 -16.38
CA LYS E 53 -19.57 4.31 -16.92
C LYS E 53 -18.84 5.28 -15.99
N HIS E 54 -19.55 6.27 -15.45
CA HIS E 54 -18.94 7.15 -14.48
C HIS E 54 -18.48 6.39 -13.24
N ALA E 55 -19.36 5.54 -12.69
CA ALA E 55 -18.98 4.70 -11.53
C ALA E 55 -17.72 3.92 -11.83
N ASP E 56 -17.63 3.37 -13.04
CA ASP E 56 -16.45 2.62 -13.47
C ASP E 56 -15.18 3.48 -13.40
N LYS E 57 -15.25 4.73 -13.89
CA LYS E 57 -14.05 5.57 -13.81
C LYS E 57 -13.66 5.87 -12.37
N TYR E 58 -14.63 6.23 -11.50
CA TYR E 58 -14.29 6.44 -10.09
C TYR E 58 -13.64 5.22 -9.46
N ILE E 59 -14.16 4.02 -9.76
CA ILE E 59 -13.66 2.80 -9.13
C ILE E 59 -12.23 2.52 -9.56
N GLU E 60 -11.94 2.59 -10.86
CA GLU E 60 -10.59 2.38 -11.36
C GLU E 60 -9.62 3.44 -10.85
N ARG E 61 -10.09 4.69 -10.77
CA ARG E 61 -9.22 5.76 -10.28
C ARG E 61 -8.92 5.57 -8.79
N ILE E 62 -9.94 5.21 -8.00
CA ILE E 62 -9.72 4.99 -6.58
C ILE E 62 -8.72 3.86 -6.35
N LEU E 63 -8.88 2.75 -7.09
CA LEU E 63 -7.93 1.64 -6.91
C LEU E 63 -6.53 2.02 -7.36
N PHE E 64 -6.39 2.74 -8.49
CA PHE E 64 -5.07 3.17 -8.93
C PHE E 64 -4.38 4.01 -7.87
N LEU E 65 -5.13 4.87 -7.19
CA LEU E 65 -4.62 5.72 -6.12
C LEU E 65 -4.50 4.99 -4.79
N GLU E 66 -4.74 3.67 -4.78
CA GLU E 66 -4.57 2.80 -3.61
C GLU E 66 -5.60 3.08 -2.51
N GLY E 67 -6.79 3.55 -2.89
CA GLY E 67 -7.91 3.63 -1.97
C GLY E 67 -8.80 2.40 -2.07
N ILE E 68 -9.89 2.44 -1.32
CA ILE E 68 -10.85 1.34 -1.32
C ILE E 68 -12.22 1.84 -1.73
N PRO E 69 -12.73 1.40 -2.88
CA PRO E 69 -14.02 1.92 -3.36
C PRO E 69 -15.15 1.42 -2.47
N ASN E 70 -16.05 2.32 -2.12
CA ASN E 70 -17.21 1.98 -1.30
C ASN E 70 -18.40 1.76 -2.21
N LEU E 71 -18.78 0.49 -2.40
CA LEU E 71 -19.99 0.16 -3.11
C LEU E 71 -21.09 -0.30 -2.18
N GLN E 72 -20.90 -0.14 -0.86
CA GLN E 72 -21.82 -0.69 0.13
C GLN E 72 -22.92 0.29 0.54
N ASP E 73 -22.59 1.57 0.73
CA ASP E 73 -23.56 2.51 1.28
C ASP E 73 -24.32 3.16 0.13
N LEU E 74 -25.60 2.83 0.01
CA LEU E 74 -26.45 3.36 -1.04
C LEU E 74 -27.32 4.46 -0.44
N GLY E 75 -27.23 5.67 -1.00
CA GLY E 75 -28.03 6.79 -0.53
C GLY E 75 -29.51 6.66 -0.88
N LYS E 76 -30.24 7.75 -0.58
CA LYS E 76 -31.70 7.78 -0.75
C LYS E 76 -32.08 7.90 -2.22
N LEU E 77 -32.87 6.95 -2.71
CA LEU E 77 -33.49 7.02 -4.03
C LEU E 77 -34.75 7.87 -3.97
N GLY E 78 -35.10 8.50 -5.08
CA GLY E 78 -36.33 9.26 -5.11
C GLY E 78 -37.19 8.89 -6.30
N ILE E 79 -37.99 7.83 -6.18
CA ILE E 79 -38.53 7.19 -7.38
C ILE E 79 -39.63 8.06 -8.02
N GLY E 80 -40.65 8.40 -7.28
CA GLY E 80 -41.62 9.15 -8.07
C GLY E 80 -42.68 8.27 -8.70
N GLU E 81 -43.90 8.83 -8.82
CA GLU E 81 -45.07 8.03 -9.18
C GLU E 81 -45.63 8.32 -10.57
N ASP E 82 -45.38 9.50 -11.14
CA ASP E 82 -45.79 9.79 -12.50
C ASP E 82 -44.63 10.45 -13.25
N VAL E 83 -44.80 10.63 -14.57
CA VAL E 83 -43.67 10.97 -15.44
C VAL E 83 -43.02 12.27 -14.99
N GLU E 84 -43.81 13.33 -14.82
CA GLU E 84 -43.25 14.62 -14.44
C GLU E 84 -42.50 14.54 -13.11
N GLU E 85 -43.06 13.82 -12.14
CA GLU E 85 -42.39 13.65 -10.85
C GLU E 85 -41.07 12.89 -11.01
N MET E 86 -41.07 11.85 -11.83
CA MET E 86 -39.85 11.08 -12.02
C MET E 86 -38.75 11.96 -12.64
N LEU E 87 -39.10 12.76 -13.66
CA LEU E 87 -38.10 13.60 -14.31
C LEU E 87 -37.59 14.68 -13.37
N GLN E 88 -38.47 15.22 -12.52
CA GLN E 88 -38.03 16.23 -11.57
C GLN E 88 -37.12 15.64 -10.51
N SER E 89 -37.37 14.38 -10.10
CA SER E 89 -36.47 13.71 -9.18
C SER E 89 -35.09 13.48 -9.79
N ASP E 90 -35.03 13.05 -11.06
CA ASP E 90 -33.74 12.93 -11.74
C ASP E 90 -33.04 14.27 -11.81
N LEU E 91 -33.77 15.34 -12.16
CA LEU E 91 -33.17 16.67 -12.22
C LEU E 91 -32.59 17.07 -10.86
N ALA E 92 -33.34 16.83 -9.77
CA ALA E 92 -32.83 17.18 -8.43
C ALA E 92 -31.55 16.44 -8.11
N LEU E 93 -31.51 15.13 -8.39
CA LEU E 93 -30.31 14.33 -8.12
C LEU E 93 -29.12 14.82 -8.94
N GLU E 94 -29.34 15.14 -10.21
CA GLU E 94 -28.26 15.62 -11.05
C GLU E 94 -27.70 16.96 -10.56
N LEU E 95 -28.57 17.88 -10.13
CA LEU E 95 -28.08 19.16 -9.61
C LEU E 95 -27.29 18.96 -8.31
N GLU E 96 -27.74 18.05 -7.43
CA GLU E 96 -26.97 17.75 -6.23
C GLU E 96 -25.60 17.20 -6.57
N GLY E 97 -25.53 16.29 -7.55
CA GLY E 97 -24.25 15.69 -7.92
C GLY E 97 -23.29 16.69 -8.56
N ALA E 98 -23.82 17.61 -9.38
CA ALA E 98 -23.01 18.66 -9.96
C ALA E 98 -22.42 19.57 -8.89
N ASP E 99 -23.19 19.84 -7.84
CA ASP E 99 -22.69 20.61 -6.71
C ASP E 99 -21.49 19.92 -6.08
N ASP E 100 -21.60 18.60 -5.84
CA ASP E 100 -20.49 17.85 -5.26
C ASP E 100 -19.28 17.83 -6.19
N LEU E 101 -19.51 17.65 -7.51
CA LEU E 101 -18.39 17.66 -8.46
C LEU E 101 -17.62 18.96 -8.41
N ARG E 102 -18.32 20.09 -8.25
CA ARG E 102 -17.63 21.38 -8.28
C ARG E 102 -16.72 21.56 -7.07
N GLU E 103 -17.18 21.12 -5.90
CA GLU E 103 -16.34 21.14 -4.71
C GLU E 103 -15.12 20.24 -4.88
N ALA E 104 -15.31 19.03 -5.41
CA ALA E 104 -14.19 18.12 -5.61
C ALA E 104 -13.21 18.62 -6.69
N ILE E 105 -13.72 19.29 -7.73
CA ILE E 105 -12.80 19.77 -8.78
C ILE E 105 -11.95 20.92 -8.24
N ALA E 106 -12.55 21.77 -7.41
CA ALA E 106 -11.79 22.82 -6.74
C ALA E 106 -10.73 22.21 -5.82
N TYR E 107 -11.12 21.24 -5.00
CA TYR E 107 -10.15 20.67 -4.07
C TYR E 107 -9.01 19.99 -4.80
N ALA E 108 -9.33 19.15 -5.82
CA ALA E 108 -8.30 18.42 -6.57
C ALA E 108 -7.24 19.35 -7.13
N ASP E 109 -7.65 20.54 -7.58
CA ASP E 109 -6.68 21.51 -8.06
C ASP E 109 -5.75 21.96 -6.94
N SER E 110 -6.30 22.23 -5.76
CA SER E 110 -5.49 22.77 -4.67
C SER E 110 -4.39 21.81 -4.24
N VAL E 111 -4.58 20.50 -4.42
CA VAL E 111 -3.57 19.51 -4.03
C VAL E 111 -2.84 18.94 -5.23
N HIS E 112 -3.08 19.48 -6.43
CA HIS E 112 -2.33 19.17 -7.65
C HIS E 112 -2.63 17.78 -8.20
N ASP E 113 -3.83 17.23 -7.97
CA ASP E 113 -4.23 15.98 -8.62
C ASP E 113 -4.95 16.34 -9.92
N TYR E 114 -4.15 16.76 -10.90
CA TYR E 114 -4.74 17.31 -12.12
C TYR E 114 -5.37 16.24 -13.00
N VAL E 115 -4.94 15.00 -12.89
CA VAL E 115 -5.58 13.95 -13.68
C VAL E 115 -6.94 13.59 -13.10
N SER E 116 -7.06 13.51 -11.76
CA SER E 116 -8.39 13.33 -11.17
C SER E 116 -9.32 14.49 -11.53
N ARG E 117 -8.81 15.72 -11.49
CA ARG E 117 -9.61 16.89 -11.85
C ARG E 117 -10.08 16.81 -13.29
N ASP E 118 -9.18 16.45 -14.20
CA ASP E 118 -9.54 16.33 -15.61
C ASP E 118 -10.65 15.29 -15.81
N MET E 119 -10.53 14.15 -15.11
CA MET E 119 -11.58 13.14 -15.17
C MET E 119 -12.93 13.68 -14.67
N MET E 120 -12.92 14.43 -13.56
CA MET E 120 -14.19 14.89 -13.00
C MET E 120 -14.80 16.01 -13.82
N ILE E 121 -13.97 16.83 -14.50
CA ILE E 121 -14.51 17.88 -15.36
C ILE E 121 -15.23 17.27 -16.56
N GLU E 122 -14.67 16.19 -17.11
CA GLU E 122 -15.33 15.47 -18.20
C GLU E 122 -16.67 14.88 -17.73
N ILE E 123 -16.69 14.28 -16.55
CA ILE E 123 -17.94 13.76 -16.00
C ILE E 123 -18.93 14.89 -15.81
N LEU E 124 -18.45 16.05 -15.34
CA LEU E 124 -19.34 17.16 -15.05
C LEU E 124 -20.00 17.69 -16.33
N ALA E 125 -19.26 17.69 -17.44
CA ALA E 125 -19.86 18.10 -18.70
C ALA E 125 -20.92 17.10 -19.16
N ASP E 126 -20.69 15.80 -18.92
CA ASP E 126 -21.72 14.82 -19.21
C ASP E 126 -22.99 15.08 -18.38
N GLU E 127 -22.82 15.36 -17.08
CA GLU E 127 -23.99 15.59 -16.23
C GLU E 127 -24.71 16.90 -16.59
N GLU E 128 -23.97 17.92 -17.04
CA GLU E 128 -24.67 19.11 -17.49
C GLU E 128 -25.46 18.86 -18.77
N GLY E 129 -25.00 17.91 -19.60
CA GLY E 129 -25.81 17.44 -20.71
C GLY E 129 -27.08 16.72 -20.26
N HIS E 130 -26.97 15.84 -19.25
CA HIS E 130 -28.17 15.21 -18.67
C HIS E 130 -29.13 16.28 -18.13
N ILE E 131 -28.60 17.25 -17.37
CA ILE E 131 -29.44 18.32 -16.84
C ILE E 131 -30.15 19.05 -17.98
N ASP E 132 -29.42 19.35 -19.06
CA ASP E 132 -30.03 20.05 -20.19
C ASP E 132 -31.18 19.24 -20.77
N TRP E 133 -31.02 17.92 -20.87
CA TRP E 133 -32.09 17.10 -21.43
C TRP E 133 -33.29 17.09 -20.50
N LEU E 134 -33.05 16.97 -19.20
CA LEU E 134 -34.15 16.93 -18.24
C LEU E 134 -34.93 18.25 -18.23
N GLU E 135 -34.22 19.37 -18.24
CA GLU E 135 -34.90 20.67 -18.24
C GLU E 135 -35.72 20.87 -19.50
N THR E 136 -35.20 20.43 -20.65
CA THR E 136 -35.93 20.56 -21.90
C THR E 136 -37.20 19.71 -21.90
N GLU E 137 -37.13 18.45 -21.43
CA GLU E 137 -38.33 17.62 -21.37
C GLU E 137 -39.38 18.22 -20.44
N LEU E 138 -38.97 18.71 -19.26
CA LEU E 138 -39.93 19.27 -18.32
C LEU E 138 -40.58 20.53 -18.88
N ASP E 139 -39.81 21.36 -19.61
CA ASP E 139 -40.40 22.50 -20.29
C ASP E 139 -41.32 22.07 -21.43
N LEU E 140 -40.99 20.98 -22.13
CA LEU E 140 -41.87 20.55 -23.21
C LEU E 140 -43.21 20.08 -22.67
N ILE E 141 -43.23 19.40 -21.52
CA ILE E 141 -44.50 19.06 -20.89
C ILE E 141 -45.38 20.30 -20.74
N GLY E 142 -44.78 21.40 -20.28
CA GLY E 142 -45.54 22.63 -20.15
C GLY E 142 -46.03 23.16 -21.48
N LYS E 143 -45.19 23.10 -22.52
CA LYS E 143 -45.50 23.78 -23.77
C LYS E 143 -46.48 23.01 -24.66
N ILE E 144 -46.44 21.68 -24.67
CA ILE E 144 -47.35 20.91 -25.50
C ILE E 144 -48.41 20.17 -24.69
N GLY E 145 -48.32 20.16 -23.37
CA GLY E 145 -49.30 19.43 -22.56
C GLY E 145 -48.92 17.99 -22.34
N LEU E 146 -49.33 17.47 -21.18
CA LEU E 146 -48.94 16.12 -20.80
C LEU E 146 -49.42 15.08 -21.79
N GLN E 147 -50.66 15.22 -22.30
CA GLN E 147 -51.21 14.17 -23.14
C GLN E 147 -50.42 14.03 -24.45
N ASN E 148 -50.12 15.15 -25.11
CA ASN E 148 -49.28 15.15 -26.30
C ASN E 148 -47.88 14.65 -25.97
N TYR E 149 -47.32 15.14 -24.85
CA TYR E 149 -45.96 14.77 -24.48
C TYR E 149 -45.84 13.26 -24.28
N LEU E 150 -46.75 12.67 -23.49
CA LEU E 150 -46.72 11.22 -23.34
C LEU E 150 -46.88 10.52 -24.68
N GLN E 151 -47.75 11.06 -25.54
CA GLN E 151 -47.98 10.46 -26.85
C GLN E 151 -46.70 10.33 -27.67
N SER E 152 -45.86 11.36 -27.68
CA SER E 152 -44.68 11.21 -28.52
C SER E 152 -43.52 10.53 -27.80
N GLN E 153 -43.75 9.95 -26.62
CA GLN E 153 -42.83 9.03 -25.98
C GLN E 153 -43.16 7.57 -26.25
N ILE E 154 -44.17 7.30 -27.08
CA ILE E 154 -44.62 5.92 -27.29
C ILE E 154 -43.68 5.15 -28.21
N LYS E 155 -43.29 5.76 -29.33
CA LYS E 155 -42.42 5.16 -30.35
C LYS E 155 -41.00 5.72 -30.29
N VAL E 156 -40.00 4.90 -30.71
CA VAL E 156 -38.59 5.09 -30.34
C VAL E 156 -37.80 5.99 -31.31
N LYS E 157 -36.66 6.52 -30.79
CA LYS E 157 -36.07 7.83 -31.10
C LYS E 157 -34.82 7.75 -31.98
N ASP E 158 -34.76 8.61 -33.00
CA ASP E 158 -33.55 8.85 -33.82
C ASP E 158 -33.33 10.35 -34.04
N MET F 1 27.81 -13.80 -27.30
CA MET F 1 29.10 -14.22 -27.89
C MET F 1 30.13 -13.10 -27.67
N LYS F 2 31.25 -13.45 -27.05
CA LYS F 2 32.20 -12.45 -26.55
C LYS F 2 32.86 -11.67 -27.69
N GLY F 3 32.69 -10.34 -27.68
CA GLY F 3 33.25 -9.52 -28.73
C GLY F 3 34.65 -9.03 -28.42
N ASP F 4 35.36 -8.63 -29.47
CA ASP F 4 36.64 -7.97 -29.29
C ASP F 4 36.44 -6.67 -28.52
N VAL F 5 37.29 -6.43 -27.52
CA VAL F 5 37.08 -5.30 -26.61
C VAL F 5 37.10 -3.98 -27.36
N LYS F 6 38.06 -3.81 -28.28
CA LYS F 6 38.16 -2.53 -28.99
C LYS F 6 37.01 -2.37 -30.01
N ILE F 7 36.46 -3.49 -30.52
CA ILE F 7 35.29 -3.42 -31.38
C ILE F 7 34.13 -2.75 -30.65
N ILE F 8 33.92 -3.15 -29.40
CA ILE F 8 32.83 -2.56 -28.60
C ILE F 8 33.09 -1.07 -28.36
N ASN F 9 34.35 -0.66 -28.17
CA ASN F 9 34.63 0.76 -28.03
C ASN F 9 34.28 1.52 -29.31
N TYR F 10 34.65 0.96 -30.47
CA TYR F 10 34.30 1.59 -31.74
C TYR F 10 32.80 1.68 -31.93
N LEU F 11 32.07 0.61 -31.57
CA LEU F 11 30.62 0.64 -31.74
C LEU F 11 29.98 1.68 -30.84
N ASN F 12 30.50 1.86 -29.62
CA ASN F 12 29.93 2.86 -28.72
C ASN F 12 30.25 4.28 -29.19
N LYS F 13 31.43 4.50 -29.79
CA LYS F 13 31.75 5.80 -30.38
C LYS F 13 30.76 6.14 -31.50
N LEU F 14 30.65 5.24 -32.49
CA LEU F 14 29.66 5.36 -33.56
C LEU F 14 28.24 5.52 -33.02
N LEU F 15 27.89 4.75 -31.98
CA LEU F 15 26.59 4.97 -31.35
C LEU F 15 26.47 6.41 -30.86
N GLY F 16 27.52 6.95 -30.26
CA GLY F 16 27.47 8.34 -29.82
C GLY F 16 27.26 9.33 -30.96
N ASN F 17 27.88 9.09 -32.11
CA ASN F 17 27.64 9.97 -33.26
C ASN F 17 26.18 9.95 -33.67
N GLU F 18 25.57 8.77 -33.71
CA GLU F 18 24.16 8.65 -34.10
C GLU F 18 23.26 9.39 -33.10
N LEU F 19 23.56 9.31 -31.79
CA LEU F 19 22.72 9.96 -30.79
C LEU F 19 22.73 11.46 -30.96
N VAL F 20 23.89 12.05 -31.26
CA VAL F 20 23.94 13.47 -31.57
C VAL F 20 23.12 13.77 -32.82
N ALA F 21 23.26 12.95 -33.86
CA ALA F 21 22.53 13.21 -35.10
C ALA F 21 21.02 13.11 -34.92
N ILE F 22 20.54 12.13 -34.14
CA ILE F 22 19.10 12.02 -33.85
C ILE F 22 18.57 13.35 -33.31
N ASN F 23 19.20 13.86 -32.26
CA ASN F 23 18.71 15.10 -31.65
C ASN F 23 18.85 16.28 -32.60
N GLN F 24 19.98 16.38 -33.31
CA GLN F 24 20.18 17.55 -34.16
C GLN F 24 19.17 17.57 -35.29
N TYR F 25 19.04 16.46 -36.00
CA TYR F 25 18.07 16.35 -37.07
C TYR F 25 16.64 16.58 -36.58
N PHE F 26 16.31 16.07 -35.38
CA PHE F 26 14.98 16.24 -34.79
C PHE F 26 14.66 17.71 -34.55
N LEU F 27 15.56 18.46 -33.88
CA LEU F 27 15.28 19.87 -33.64
C LEU F 27 15.26 20.66 -34.94
N HIS F 28 16.20 20.38 -35.84
CA HIS F 28 16.24 21.05 -37.14
C HIS F 28 14.93 20.87 -37.89
N ALA F 29 14.38 19.65 -37.88
CA ALA F 29 13.11 19.41 -38.55
C ALA F 29 12.01 20.30 -37.98
N ARG F 30 11.91 20.38 -36.66
CA ARG F 30 10.82 21.16 -36.08
C ARG F 30 11.07 22.66 -36.19
N MET F 31 12.32 23.11 -36.28
CA MET F 31 12.53 24.50 -36.66
C MET F 31 12.05 24.77 -38.08
N PHE F 32 12.29 23.85 -39.01
CA PHE F 32 11.79 24.02 -40.36
C PHE F 32 10.25 24.09 -40.37
N LYS F 33 9.61 23.17 -39.63
CA LYS F 33 8.15 23.16 -39.51
C LYS F 33 7.64 24.47 -38.93
N ASN F 34 8.26 24.94 -37.84
CA ASN F 34 7.88 26.23 -37.26
C ASN F 34 7.97 27.36 -38.29
N TRP F 35 8.94 27.29 -39.20
CA TRP F 35 9.09 28.32 -40.23
C TRP F 35 8.16 28.11 -41.40
N GLY F 36 7.36 27.04 -41.40
CA GLY F 36 6.49 26.75 -42.53
C GLY F 36 7.13 26.03 -43.71
N LEU F 37 8.32 25.48 -43.54
CA LEU F 37 9.01 24.76 -44.63
C LEU F 37 8.72 23.27 -44.48
N MET F 38 7.50 22.86 -44.85
CA MET F 38 7.06 21.51 -44.53
C MET F 38 7.87 20.46 -45.29
N ARG F 39 8.40 20.81 -46.45
CA ARG F 39 9.22 19.85 -47.18
C ARG F 39 10.50 19.54 -46.41
N LEU F 40 11.20 20.58 -45.95
CA LEU F 40 12.39 20.38 -45.14
C LEU F 40 12.07 19.67 -43.83
N ASN F 41 10.94 20.01 -43.20
CA ASN F 41 10.52 19.27 -42.01
C ASN F 41 10.46 17.77 -42.29
N ASP F 42 9.84 17.40 -43.42
CA ASP F 42 9.64 15.99 -43.73
C ASP F 42 10.94 15.25 -43.92
N VAL F 43 11.84 15.81 -44.75
CA VAL F 43 13.10 15.12 -45.03
C VAL F 43 13.95 15.03 -43.78
N GLU F 44 14.13 16.16 -43.06
CA GLU F 44 15.02 16.15 -41.90
C GLU F 44 14.50 15.22 -40.82
N TYR F 45 13.17 15.16 -40.65
CA TYR F 45 12.59 14.25 -39.67
C TYR F 45 12.87 12.79 -40.00
N HIS F 46 12.75 12.42 -41.30
CA HIS F 46 12.99 11.04 -41.68
C HIS F 46 14.45 10.65 -41.45
N GLU F 47 15.36 11.50 -41.85
CA GLU F 47 16.76 11.33 -41.45
C GLU F 47 16.98 11.21 -39.95
N SER F 48 16.25 11.94 -39.13
CA SER F 48 16.33 11.71 -37.69
C SER F 48 15.93 10.28 -37.36
N ILE F 49 14.84 9.78 -37.98
CA ILE F 49 14.42 8.40 -37.76
C ILE F 49 15.43 7.41 -38.34
N ASP F 50 16.04 7.73 -39.50
CA ASP F 50 17.09 6.89 -40.06
C ASP F 50 18.24 6.70 -39.06
N GLU F 51 18.68 7.81 -38.43
CA GLU F 51 19.78 7.70 -37.49
C GLU F 51 19.37 6.93 -36.25
N HIS F 52 18.11 6.99 -35.86
CA HIS F 52 17.60 6.12 -34.80
C HIS F 52 17.71 4.64 -35.17
N LYS F 53 17.41 4.30 -36.44
CA LYS F 53 17.59 2.92 -36.90
C LYS F 53 19.06 2.51 -36.85
N HIS F 54 19.98 3.44 -37.14
CA HIS F 54 21.40 3.12 -37.00
C HIS F 54 21.78 2.90 -35.54
N ALA F 55 21.33 3.79 -34.64
CA ALA F 55 21.58 3.60 -33.22
C ALA F 55 21.09 2.23 -32.76
N ASP F 56 19.91 1.83 -33.22
CA ASP F 56 19.33 0.55 -32.83
C ASP F 56 20.23 -0.61 -33.23
N LYS F 57 20.77 -0.60 -34.45
CA LYS F 57 21.72 -1.63 -34.86
C LYS F 57 22.97 -1.65 -33.99
N TYR F 58 23.54 -0.48 -33.66
CA TYR F 58 24.71 -0.47 -32.78
C TYR F 58 24.36 -1.07 -31.41
N ILE F 59 23.24 -0.63 -30.83
CA ILE F 59 22.85 -1.08 -29.50
C ILE F 59 22.64 -2.59 -29.49
N GLU F 60 21.93 -3.11 -30.49
CA GLU F 60 21.68 -4.55 -30.54
C GLU F 60 22.97 -5.33 -30.78
N ARG F 61 23.87 -4.79 -31.61
CA ARG F 61 25.14 -5.48 -31.86
C ARG F 61 26.01 -5.49 -30.62
N ILE F 62 26.10 -4.35 -29.93
CA ILE F 62 26.88 -4.26 -28.70
C ILE F 62 26.38 -5.28 -27.68
N LEU F 63 25.06 -5.34 -27.45
CA LEU F 63 24.53 -6.30 -26.48
C LEU F 63 24.85 -7.74 -26.87
N PHE F 64 24.71 -8.07 -28.17
CA PHE F 64 25.03 -9.42 -28.63
C PHE F 64 26.50 -9.76 -28.34
N LEU F 65 27.39 -8.81 -28.55
CA LEU F 65 28.80 -8.95 -28.24
C LEU F 65 29.09 -8.86 -26.74
N GLU F 66 28.04 -8.78 -25.91
CA GLU F 66 28.17 -8.74 -24.45
C GLU F 66 28.92 -7.50 -23.97
N GLY F 67 28.81 -6.39 -24.68
CA GLY F 67 29.25 -5.10 -24.18
C GLY F 67 28.09 -4.31 -23.57
N ILE F 68 28.43 -3.10 -23.11
CA ILE F 68 27.47 -2.19 -22.48
C ILE F 68 27.24 -0.97 -23.39
N PRO F 69 26.06 -0.81 -23.99
CA PRO F 69 25.84 0.37 -24.84
C PRO F 69 25.79 1.62 -23.98
N ASN F 70 26.43 2.67 -24.49
CA ASN F 70 26.52 3.94 -23.79
C ASN F 70 25.54 4.90 -24.45
N LEU F 71 24.44 5.18 -23.77
CA LEU F 71 23.49 6.18 -24.22
C LEU F 71 23.50 7.39 -23.31
N GLN F 72 24.51 7.52 -22.44
CA GLN F 72 24.58 8.57 -21.43
C GLN F 72 25.37 9.78 -21.87
N ASP F 73 26.46 9.58 -22.59
CA ASP F 73 27.32 10.68 -23.01
C ASP F 73 26.84 11.19 -24.36
N LEU F 74 26.35 12.42 -24.37
CA LEU F 74 25.87 13.07 -25.59
C LEU F 74 26.90 14.12 -25.99
N GLY F 75 27.40 14.02 -27.21
CA GLY F 75 28.39 14.94 -27.71
C GLY F 75 27.77 16.27 -28.06
N LYS F 76 28.58 17.12 -28.67
CA LYS F 76 28.16 18.50 -28.89
C LYS F 76 27.27 18.59 -30.13
N LEU F 77 26.07 19.15 -29.94
CA LEU F 77 25.19 19.50 -31.03
C LEU F 77 25.64 20.81 -31.68
N GLY F 78 25.36 20.95 -32.98
CA GLY F 78 25.57 22.20 -33.68
C GLY F 78 24.31 22.68 -34.38
N ILE F 79 23.47 23.44 -33.66
CA ILE F 79 22.12 23.70 -34.17
C ILE F 79 22.15 24.70 -35.32
N GLY F 80 22.63 25.91 -35.10
CA GLY F 80 22.55 26.75 -36.30
C GLY F 80 21.24 27.51 -36.36
N GLU F 81 21.30 28.67 -37.04
CA GLU F 81 20.27 29.70 -36.88
C GLU F 81 19.43 29.98 -38.13
N ASP F 82 19.94 29.69 -39.32
CA ASP F 82 19.15 29.77 -40.54
C ASP F 82 19.38 28.52 -41.37
N VAL F 83 18.62 28.40 -42.46
CA VAL F 83 18.54 27.14 -43.18
C VAL F 83 19.91 26.70 -43.66
N GLU F 84 20.67 27.62 -44.27
CA GLU F 84 21.98 27.26 -44.79
C GLU F 84 22.93 26.82 -43.68
N GLU F 85 22.95 27.57 -42.57
CA GLU F 85 23.79 27.18 -41.44
C GLU F 85 23.40 25.81 -40.91
N MET F 86 22.09 25.52 -40.84
CA MET F 86 21.66 24.22 -40.31
C MET F 86 22.09 23.08 -41.21
N LEU F 87 21.94 23.21 -42.53
CA LEU F 87 22.34 22.14 -43.45
C LEU F 87 23.86 21.96 -43.43
N GLN F 88 24.59 23.06 -43.33
CA GLN F 88 26.04 22.96 -43.25
C GLN F 88 26.48 22.29 -41.96
N SER F 89 25.73 22.50 -40.88
CA SER F 89 26.05 21.79 -39.65
C SER F 89 25.79 20.29 -39.79
N ASP F 90 24.67 19.90 -40.40
CA ASP F 90 24.39 18.48 -40.61
C ASP F 90 25.46 17.85 -41.51
N LEU F 91 25.87 18.57 -42.57
CA LEU F 91 26.91 18.05 -43.45
C LEU F 91 28.22 17.82 -42.69
N ALA F 92 28.62 18.79 -41.86
CA ALA F 92 29.86 18.61 -41.09
C ALA F 92 29.75 17.40 -40.16
N LEU F 93 28.62 17.26 -39.48
CA LEU F 93 28.43 16.11 -38.60
C LEU F 93 28.48 14.80 -39.38
N GLU F 94 27.86 14.76 -40.56
CA GLU F 94 27.89 13.55 -41.38
C GLU F 94 29.30 13.22 -41.85
N LEU F 95 30.08 14.22 -42.27
CA LEU F 95 31.44 13.92 -42.73
C LEU F 95 32.32 13.46 -41.58
N GLU F 96 32.13 14.05 -40.39
CA GLU F 96 32.83 13.55 -39.21
C GLU F 96 32.47 12.10 -38.92
N GLY F 97 31.18 11.75 -39.05
CA GLY F 97 30.76 10.38 -38.77
C GLY F 97 31.30 9.38 -39.77
N ALA F 98 31.36 9.77 -41.05
CA ALA F 98 31.92 8.90 -42.09
C ALA F 98 33.40 8.62 -41.81
N ASP F 99 34.11 9.63 -41.33
CA ASP F 99 35.51 9.47 -40.93
C ASP F 99 35.65 8.39 -39.86
N ASP F 100 34.79 8.42 -38.83
CA ASP F 100 34.86 7.40 -37.79
C ASP F 100 34.51 6.01 -38.32
N LEU F 101 33.52 5.94 -39.23
CA LEU F 101 33.11 4.66 -39.79
C LEU F 101 34.24 4.00 -40.57
N ARG F 102 34.96 4.76 -41.40
CA ARG F 102 36.07 4.18 -42.17
C ARG F 102 37.13 3.57 -41.26
N GLU F 103 37.45 4.26 -40.16
CA GLU F 103 38.45 3.74 -39.22
C GLU F 103 37.96 2.47 -38.53
N ALA F 104 36.71 2.44 -38.10
CA ALA F 104 36.16 1.26 -37.48
C ALA F 104 36.06 0.11 -38.49
N ILE F 105 35.72 0.41 -39.74
CA ILE F 105 35.57 -0.66 -40.71
C ILE F 105 36.92 -1.31 -40.99
N ALA F 106 37.97 -0.49 -41.11
CA ALA F 106 39.32 -1.02 -41.28
C ALA F 106 39.72 -1.88 -40.08
N TYR F 107 39.42 -1.42 -38.87
CA TYR F 107 39.83 -2.19 -37.71
C TYR F 107 39.06 -3.51 -37.61
N ALA F 108 37.75 -3.48 -37.91
CA ALA F 108 36.94 -4.69 -37.79
C ALA F 108 37.50 -5.79 -38.67
N ASP F 109 38.03 -5.42 -39.84
CA ASP F 109 38.64 -6.39 -40.75
C ASP F 109 39.89 -7.02 -40.15
N SER F 110 40.70 -6.24 -39.43
CA SER F 110 41.94 -6.76 -38.86
C SER F 110 41.71 -7.74 -37.72
N VAL F 111 40.57 -7.71 -37.03
CA VAL F 111 40.26 -8.68 -35.99
C VAL F 111 39.21 -9.69 -36.44
N HIS F 112 38.87 -9.70 -37.73
CA HIS F 112 38.01 -10.73 -38.32
C HIS F 112 36.56 -10.66 -37.81
N ASP F 113 36.12 -9.48 -37.36
CA ASP F 113 34.70 -9.27 -37.02
C ASP F 113 34.00 -8.80 -38.28
N TYR F 114 33.77 -9.74 -39.19
CA TYR F 114 33.25 -9.42 -40.51
C TYR F 114 31.78 -9.03 -40.48
N VAL F 115 31.03 -9.48 -39.47
CA VAL F 115 29.61 -9.12 -39.40
C VAL F 115 29.45 -7.68 -38.93
N SER F 116 30.15 -7.29 -37.86
CA SER F 116 30.15 -5.88 -37.48
C SER F 116 30.62 -5.01 -38.64
N ARG F 117 31.57 -5.50 -39.44
CA ARG F 117 32.07 -4.72 -40.59
C ARG F 117 30.99 -4.54 -41.65
N ASP F 118 30.29 -5.63 -41.97
CA ASP F 118 29.27 -5.57 -43.01
C ASP F 118 28.12 -4.65 -42.60
N MET F 119 27.72 -4.71 -41.32
CA MET F 119 26.74 -3.77 -40.79
C MET F 119 27.20 -2.32 -40.96
N MET F 120 28.49 -2.04 -40.64
CA MET F 120 28.99 -0.67 -40.70
C MET F 120 29.11 -0.16 -42.14
N ILE F 121 29.41 -1.05 -43.10
CA ILE F 121 29.49 -0.63 -44.50
C ILE F 121 28.11 -0.23 -45.02
N GLU F 122 27.08 -1.00 -44.65
CA GLU F 122 25.72 -0.60 -45.01
C GLU F 122 25.37 0.75 -44.41
N ILE F 123 25.70 0.97 -43.14
CA ILE F 123 25.41 2.25 -42.50
C ILE F 123 26.17 3.37 -43.18
N LEU F 124 27.43 3.09 -43.58
CA LEU F 124 28.24 4.10 -44.28
C LEU F 124 27.65 4.44 -45.65
N ALA F 125 27.14 3.43 -46.36
CA ALA F 125 26.43 3.72 -47.61
C ALA F 125 25.23 4.63 -47.37
N ASP F 126 24.49 4.41 -46.29
CA ASP F 126 23.38 5.30 -45.91
C ASP F 126 23.89 6.72 -45.67
N GLU F 127 24.97 6.87 -44.90
CA GLU F 127 25.44 8.21 -44.56
C GLU F 127 26.00 8.96 -45.77
N GLU F 128 26.56 8.23 -46.75
CA GLU F 128 26.97 8.90 -47.99
C GLU F 128 25.75 9.32 -48.80
N GLY F 129 24.65 8.60 -48.66
CA GLY F 129 23.38 9.07 -49.18
C GLY F 129 22.94 10.39 -48.59
N HIS F 130 22.98 10.50 -47.24
CA HIS F 130 22.66 11.76 -46.58
C HIS F 130 23.60 12.89 -47.03
N ILE F 131 24.90 12.58 -47.15
CA ILE F 131 25.87 13.59 -47.57
C ILE F 131 25.53 14.10 -48.97
N ASP F 132 25.23 13.17 -49.88
CA ASP F 132 24.81 13.53 -51.24
C ASP F 132 23.61 14.49 -51.20
N TRP F 133 22.58 14.17 -50.40
CA TRP F 133 21.42 15.04 -50.34
C TRP F 133 21.78 16.44 -49.81
N LEU F 134 22.59 16.51 -48.75
CA LEU F 134 22.93 17.81 -48.15
C LEU F 134 23.75 18.64 -49.13
N GLU F 135 24.77 18.03 -49.75
CA GLU F 135 25.59 18.74 -50.74
C GLU F 135 24.72 19.27 -51.87
N THR F 136 23.74 18.48 -52.32
CA THR F 136 22.88 18.91 -53.42
C THR F 136 21.97 20.07 -52.99
N GLU F 137 21.37 19.99 -51.80
CA GLU F 137 20.57 21.11 -51.31
C GLU F 137 21.41 22.38 -51.17
N LEU F 138 22.62 22.25 -50.64
CA LEU F 138 23.46 23.44 -50.48
C LEU F 138 23.79 24.06 -51.84
N ASP F 139 24.14 23.24 -52.83
CA ASP F 139 24.40 23.74 -54.18
C ASP F 139 23.16 24.38 -54.80
N LEU F 140 21.98 23.80 -54.59
CA LEU F 140 20.77 24.39 -55.14
C LEU F 140 20.56 25.80 -54.61
N ILE F 141 20.79 26.00 -53.31
CA ILE F 141 20.68 27.34 -52.73
C ILE F 141 21.52 28.32 -53.54
N GLY F 142 22.72 27.89 -53.94
CA GLY F 142 23.57 28.76 -54.75
C GLY F 142 23.01 28.97 -56.14
N LYS F 143 22.44 27.93 -56.73
CA LYS F 143 22.01 28.00 -58.12
C LYS F 143 20.73 28.82 -58.26
N ILE F 144 19.73 28.59 -57.41
CA ILE F 144 18.44 29.25 -57.58
C ILE F 144 18.24 30.42 -56.64
N GLY F 145 19.15 30.66 -55.71
CA GLY F 145 19.02 31.73 -54.73
C GLY F 145 18.18 31.32 -53.55
N LEU F 146 18.43 31.96 -52.41
CA LEU F 146 17.78 31.55 -51.17
C LEU F 146 16.26 31.72 -51.22
N GLN F 147 15.77 32.80 -51.83
CA GLN F 147 14.33 33.02 -51.83
C GLN F 147 13.60 31.93 -52.62
N ASN F 148 14.11 31.56 -53.79
CA ASN F 148 13.48 30.48 -54.53
C ASN F 148 13.63 29.16 -53.79
N TYR F 149 14.77 28.93 -53.16
CA TYR F 149 14.98 27.67 -52.48
C TYR F 149 14.00 27.50 -51.33
N LEU F 150 13.85 28.53 -50.50
CA LEU F 150 12.91 28.43 -49.39
C LEU F 150 11.47 28.32 -49.90
N GLN F 151 11.14 29.03 -50.99
CA GLN F 151 9.82 28.93 -51.57
C GLN F 151 9.48 27.49 -51.92
N SER F 152 10.40 26.75 -52.51
CA SER F 152 10.01 25.41 -52.90
C SER F 152 10.16 24.38 -51.78
N GLN F 153 10.45 24.82 -50.55
CA GLN F 153 10.37 23.94 -49.38
C GLN F 153 9.04 24.09 -48.65
N ILE F 154 8.13 24.93 -49.14
CA ILE F 154 6.88 25.18 -48.43
C ILE F 154 5.96 23.96 -48.51
N LYS F 155 5.72 23.43 -49.71
CA LYS F 155 4.81 22.31 -49.93
C LYS F 155 5.56 20.98 -50.09
N VAL F 156 4.84 19.86 -49.81
CA VAL F 156 5.46 18.56 -49.45
C VAL F 156 5.76 17.64 -50.63
N LYS F 157 6.87 16.88 -50.45
CA LYS F 157 7.70 16.19 -51.44
C LYS F 157 7.17 14.79 -51.78
N ASP F 158 7.38 14.38 -53.05
CA ASP F 158 6.92 13.05 -53.50
C ASP F 158 7.69 12.59 -54.75
N MET G 1 -11.44 12.34 43.33
CA MET G 1 -11.10 13.64 42.74
C MET G 1 -12.07 13.94 41.63
N LYS G 2 -12.70 15.11 41.65
CA LYS G 2 -13.76 15.39 40.68
C LYS G 2 -13.16 15.66 39.32
N GLY G 3 -13.58 14.88 38.32
CA GLY G 3 -13.03 14.98 36.99
C GLY G 3 -13.92 15.79 36.06
N ASP G 4 -13.33 16.17 34.93
CA ASP G 4 -14.05 16.91 33.91
C ASP G 4 -15.21 16.06 33.36
N VAL G 5 -16.39 16.67 33.25
CA VAL G 5 -17.59 15.94 32.87
C VAL G 5 -17.41 15.28 31.50
N LYS G 6 -16.91 16.03 30.51
CA LYS G 6 -16.77 15.45 29.16
C LYS G 6 -15.68 14.37 29.14
N ILE G 7 -14.65 14.51 29.99
CA ILE G 7 -13.64 13.47 30.13
C ILE G 7 -14.30 12.13 30.48
N ILE G 8 -15.19 12.14 31.47
CA ILE G 8 -15.85 10.90 31.86
C ILE G 8 -16.74 10.37 30.74
N ASN G 9 -17.32 11.25 29.91
CA ASN G 9 -18.07 10.78 28.74
C ASN G 9 -17.15 10.08 27.73
N TYR G 10 -16.00 10.70 27.41
CA TYR G 10 -15.04 10.08 26.51
C TYR G 10 -14.56 8.73 27.07
N LEU G 11 -14.22 8.70 28.36
CA LEU G 11 -13.72 7.49 28.98
C LEU G 11 -14.74 6.37 28.89
N ASN G 12 -16.02 6.71 29.07
CA ASN G 12 -17.09 5.72 28.93
C ASN G 12 -17.27 5.28 27.48
N LYS G 13 -17.08 6.20 26.53
CA LYS G 13 -17.17 5.82 25.12
C LYS G 13 -16.04 4.84 24.76
N LEU G 14 -14.82 5.14 25.19
CA LEU G 14 -13.68 4.25 24.97
C LEU G 14 -13.89 2.89 25.65
N LEU G 15 -14.34 2.90 26.91
CA LEU G 15 -14.71 1.66 27.60
C LEU G 15 -15.71 0.85 26.77
N GLY G 16 -16.74 1.52 26.23
CA GLY G 16 -17.65 0.83 25.35
C GLY G 16 -16.96 0.15 24.18
N ASN G 17 -15.99 0.84 23.56
CA ASN G 17 -15.22 0.20 22.50
C ASN G 17 -14.53 -1.07 22.98
N GLU G 18 -13.89 -1.01 24.16
CA GLU G 18 -13.18 -2.18 24.66
C GLU G 18 -14.12 -3.33 24.97
N LEU G 19 -15.35 -3.04 25.42
CA LEU G 19 -16.24 -4.12 25.79
C LEU G 19 -16.67 -4.92 24.56
N VAL G 20 -16.92 -4.25 23.44
CA VAL G 20 -17.20 -4.95 22.20
C VAL G 20 -16.02 -5.84 21.79
N ALA G 21 -14.82 -5.26 21.79
CA ALA G 21 -13.63 -5.98 21.34
C ALA G 21 -13.33 -7.19 22.22
N ILE G 22 -13.54 -7.07 23.54
CA ILE G 22 -13.38 -8.24 24.41
C ILE G 22 -14.25 -9.39 23.91
N ASN G 23 -15.54 -9.15 23.71
CA ASN G 23 -16.43 -10.22 23.29
C ASN G 23 -16.07 -10.74 21.90
N GLN G 24 -15.70 -9.84 20.98
CA GLN G 24 -15.49 -10.26 19.60
C GLN G 24 -14.20 -11.09 19.46
N TYR G 25 -13.13 -10.64 20.10
CA TYR G 25 -11.89 -11.42 20.11
C TYR G 25 -12.10 -12.77 20.78
N PHE G 26 -12.96 -12.79 21.80
CA PHE G 26 -13.21 -14.00 22.57
C PHE G 26 -13.96 -15.03 21.73
N LEU G 27 -15.02 -14.61 21.05
CA LEU G 27 -15.73 -15.53 20.18
C LEU G 27 -14.87 -15.94 19.00
N HIS G 28 -14.14 -14.99 18.42
CA HIS G 28 -13.30 -15.34 17.29
C HIS G 28 -12.29 -16.40 17.67
N ALA G 29 -11.69 -16.26 18.86
CA ALA G 29 -10.68 -17.20 19.30
C ALA G 29 -11.25 -18.60 19.40
N ARG G 30 -12.43 -18.75 20.03
CA ARG G 30 -12.99 -20.09 20.19
C ARG G 30 -13.51 -20.67 18.87
N MET G 31 -13.87 -19.80 17.91
CA MET G 31 -14.18 -20.26 16.56
C MET G 31 -12.94 -20.83 15.86
N PHE G 32 -11.81 -20.12 15.95
CA PHE G 32 -10.54 -20.66 15.50
C PHE G 32 -10.23 -22.00 16.19
N LYS G 33 -10.42 -22.06 17.50
CA LYS G 33 -10.11 -23.30 18.23
C LYS G 33 -10.98 -24.44 17.72
N ASN G 34 -12.28 -24.18 17.56
CA ASN G 34 -13.18 -25.19 17.01
C ASN G 34 -12.74 -25.65 15.61
N TRP G 35 -12.19 -24.75 14.80
CA TRP G 35 -11.65 -25.14 13.50
C TRP G 35 -10.27 -25.80 13.59
N GLY G 36 -9.72 -25.98 14.80
CA GLY G 36 -8.42 -26.62 14.90
C GLY G 36 -7.23 -25.72 14.64
N LEU G 37 -7.45 -24.41 14.53
CA LEU G 37 -6.38 -23.45 14.27
C LEU G 37 -5.91 -22.90 15.61
N MET G 38 -5.09 -23.68 16.29
CA MET G 38 -4.73 -23.35 17.66
C MET G 38 -3.84 -22.11 17.77
N ARG G 39 -3.04 -21.80 16.75
CA ARG G 39 -2.19 -20.61 16.83
C ARG G 39 -3.03 -19.34 16.83
N LEU G 40 -4.13 -19.32 16.08
CA LEU G 40 -5.00 -18.16 16.04
C LEU G 40 -5.86 -18.07 17.30
N ASN G 41 -6.29 -19.21 17.85
CA ASN G 41 -6.96 -19.20 19.14
C ASN G 41 -6.09 -18.51 20.20
N ASP G 42 -4.79 -18.85 20.24
CA ASP G 42 -3.92 -18.29 21.29
C ASP G 42 -3.73 -16.79 21.14
N VAL G 43 -3.51 -16.30 19.93
CA VAL G 43 -3.26 -14.87 19.75
C VAL G 43 -4.54 -14.07 19.94
N GLU G 44 -5.66 -14.55 19.39
CA GLU G 44 -6.91 -13.82 19.55
C GLU G 44 -7.38 -13.87 21.00
N TYR G 45 -7.22 -15.00 21.67
CA TYR G 45 -7.59 -15.06 23.08
C TYR G 45 -6.77 -14.07 23.90
N HIS G 46 -5.47 -13.96 23.61
CA HIS G 46 -4.65 -13.00 24.33
C HIS G 46 -5.04 -11.57 24.02
N GLU G 47 -5.53 -11.29 22.82
CA GLU G 47 -5.94 -9.91 22.58
C GLU G 47 -7.26 -9.60 23.27
N SER G 48 -8.13 -10.61 23.43
CA SER G 48 -9.30 -10.47 24.28
C SER G 48 -8.88 -10.06 25.70
N ILE G 49 -7.90 -10.78 26.27
CA ILE G 49 -7.39 -10.46 27.61
C ILE G 49 -6.78 -9.07 27.64
N ASP G 50 -6.13 -8.67 26.55
CA ASP G 50 -5.50 -7.37 26.54
C ASP G 50 -6.53 -6.25 26.53
N GLU G 51 -7.65 -6.42 25.81
CA GLU G 51 -8.69 -5.38 25.85
C GLU G 51 -9.39 -5.35 27.21
N HIS G 52 -9.46 -6.50 27.90
CA HIS G 52 -9.97 -6.53 29.27
C HIS G 52 -9.10 -5.71 30.22
N LYS G 53 -7.77 -5.75 30.06
CA LYS G 53 -6.91 -4.88 30.86
C LYS G 53 -7.17 -3.41 30.55
N HIS G 54 -7.41 -3.07 29.27
CA HIS G 54 -7.76 -1.69 28.91
C HIS G 54 -9.08 -1.28 29.55
N ALA G 55 -10.09 -2.17 29.49
CA ALA G 55 -11.36 -1.88 30.14
C ALA G 55 -11.17 -1.62 31.63
N ASP G 56 -10.35 -2.45 32.28
CA ASP G 56 -10.04 -2.27 33.69
C ASP G 56 -9.46 -0.89 33.93
N LYS G 57 -8.48 -0.47 33.12
CA LYS G 57 -7.90 0.85 33.31
C LYS G 57 -8.97 1.94 33.18
N TYR G 58 -9.83 1.84 32.18
CA TYR G 58 -10.86 2.87 32.01
C TYR G 58 -11.80 2.91 33.22
N ILE G 59 -12.24 1.73 33.67
CA ILE G 59 -13.18 1.63 34.79
C ILE G 59 -12.59 2.27 36.05
N GLU G 60 -11.33 1.93 36.37
CA GLU G 60 -10.72 2.45 37.59
C GLU G 60 -10.51 3.95 37.49
N ARG G 61 -10.17 4.44 36.29
CA ARG G 61 -9.99 5.87 36.11
C ARG G 61 -11.32 6.60 36.26
N ILE G 62 -12.41 6.03 35.74
CA ILE G 62 -13.71 6.69 35.86
C ILE G 62 -14.15 6.76 37.31
N LEU G 63 -14.00 5.65 38.05
CA LEU G 63 -14.36 5.68 39.48
C LEU G 63 -13.51 6.69 40.24
N PHE G 64 -12.23 6.80 39.92
CA PHE G 64 -11.38 7.77 40.59
C PHE G 64 -11.87 9.19 40.32
N LEU G 65 -12.30 9.47 39.09
CA LEU G 65 -12.79 10.77 38.72
C LEU G 65 -14.22 11.00 39.20
N GLU G 66 -14.80 10.02 39.89
CA GLU G 66 -16.14 10.11 40.48
C GLU G 66 -17.23 10.14 39.42
N GLY G 67 -17.07 9.33 38.39
CA GLY G 67 -18.11 9.10 37.40
C GLY G 67 -18.64 7.68 37.52
N ILE G 68 -19.55 7.35 36.62
CA ILE G 68 -20.23 6.07 36.66
C ILE G 68 -19.87 5.24 35.43
N PRO G 69 -19.05 4.19 35.59
CA PRO G 69 -18.72 3.33 34.46
C PRO G 69 -19.95 2.68 33.85
N ASN G 70 -20.05 2.72 32.54
CA ASN G 70 -21.19 2.17 31.82
C ASN G 70 -20.78 0.83 31.20
N LEU G 71 -21.19 -0.25 31.84
CA LEU G 71 -20.99 -1.59 31.28
C LEU G 71 -22.28 -2.17 30.69
N GLN G 72 -23.29 -1.33 30.48
CA GLN G 72 -24.61 -1.83 30.09
C GLN G 72 -24.82 -1.80 28.58
N ASP G 73 -24.21 -0.85 27.88
CA ASP G 73 -24.52 -0.61 26.47
C ASP G 73 -23.44 -1.25 25.59
N LEU G 74 -23.81 -2.33 24.92
CA LEU G 74 -22.88 -3.07 24.07
C LEU G 74 -23.16 -2.72 22.61
N GLY G 75 -22.18 -2.12 21.94
CA GLY G 75 -22.29 -1.82 20.53
C GLY G 75 -22.26 -3.07 19.67
N LYS G 76 -22.22 -2.87 18.36
CA LYS G 76 -22.46 -3.95 17.42
C LYS G 76 -21.20 -4.80 17.20
N LEU G 77 -21.35 -6.11 17.37
CA LEU G 77 -20.32 -7.09 17.08
C LEU G 77 -20.35 -7.44 15.59
N GLY G 78 -19.18 -7.58 14.99
CA GLY G 78 -19.09 -8.06 13.63
C GLY G 78 -18.34 -9.36 13.59
N ILE G 79 -19.03 -10.49 13.42
CA ILE G 79 -18.40 -11.78 13.63
C ILE G 79 -17.76 -12.31 12.33
N GLY G 80 -18.50 -12.39 11.24
CA GLY G 80 -17.88 -12.82 10.00
C GLY G 80 -17.79 -14.33 9.89
N GLU G 81 -17.74 -14.86 8.68
CA GLU G 81 -17.91 -16.29 8.52
C GLU G 81 -16.64 -17.08 8.22
N ASP G 82 -15.60 -16.49 7.64
CA ASP G 82 -14.34 -17.22 7.54
C ASP G 82 -13.19 -16.42 8.14
N VAL G 83 -11.98 -16.99 8.07
CA VAL G 83 -10.83 -16.39 8.75
C VAL G 83 -10.59 -14.97 8.29
N GLU G 84 -10.57 -14.76 6.96
CA GLU G 84 -10.26 -13.43 6.45
C GLU G 84 -11.28 -12.41 6.93
N GLU G 85 -12.56 -12.77 6.92
CA GLU G 85 -13.62 -11.86 7.33
C GLU G 85 -13.56 -11.55 8.83
N MET G 86 -13.15 -12.51 9.66
CA MET G 86 -13.01 -12.23 11.10
C MET G 86 -11.85 -11.26 11.36
N LEU G 87 -10.69 -11.53 10.76
CA LEU G 87 -9.55 -10.62 10.93
C LEU G 87 -9.88 -9.23 10.40
N GLN G 88 -10.57 -9.15 9.27
CA GLN G 88 -10.96 -7.85 8.73
C GLN G 88 -11.89 -7.12 9.68
N SER G 89 -12.82 -7.84 10.31
CA SER G 89 -13.74 -7.19 11.23
C SER G 89 -13.04 -6.67 12.48
N ASP G 90 -12.12 -7.47 13.04
CA ASP G 90 -11.27 -7.01 14.14
C ASP G 90 -10.50 -5.77 13.75
N LEU G 91 -9.98 -5.74 12.51
CA LEU G 91 -9.22 -4.59 12.05
C LEU G 91 -10.12 -3.36 11.90
N ALA G 92 -11.34 -3.54 11.41
CA ALA G 92 -12.25 -2.39 11.32
C ALA G 92 -12.51 -1.81 12.70
N LEU G 93 -12.81 -2.67 13.68
CA LEU G 93 -13.05 -2.21 15.05
C LEU G 93 -11.85 -1.47 15.62
N GLU G 94 -10.66 -2.05 15.48
CA GLU G 94 -9.46 -1.41 16.04
C GLU G 94 -9.25 -0.01 15.47
N LEU G 95 -9.43 0.16 14.15
CA LEU G 95 -9.27 1.49 13.56
C LEU G 95 -10.32 2.46 14.09
N GLU G 96 -11.59 2.03 14.11
CA GLU G 96 -12.64 2.86 14.71
C GLU G 96 -12.27 3.29 16.11
N GLY G 97 -11.71 2.38 16.90
CA GLY G 97 -11.35 2.70 18.27
C GLY G 97 -10.17 3.64 18.36
N ALA G 98 -9.18 3.47 17.45
CA ALA G 98 -8.04 4.38 17.42
C ALA G 98 -8.47 5.79 17.06
N ASP G 99 -9.50 5.89 16.22
CA ASP G 99 -10.05 7.19 15.87
C ASP G 99 -10.68 7.87 17.09
N ASP G 100 -11.47 7.11 17.87
CA ASP G 100 -12.03 7.66 19.11
C ASP G 100 -10.93 8.05 20.11
N LEU G 101 -9.88 7.24 20.23
CA LEU G 101 -8.81 7.56 21.18
C LEU G 101 -8.16 8.90 20.81
N ARG G 102 -7.88 9.13 19.52
CA ARG G 102 -7.21 10.36 19.11
C ARG G 102 -8.04 11.59 19.48
N GLU G 103 -9.36 11.49 19.36
CA GLU G 103 -10.22 12.60 19.72
C GLU G 103 -10.19 12.85 21.22
N ALA G 104 -10.24 11.78 22.02
CA ALA G 104 -10.23 11.97 23.47
C ALA G 104 -8.90 12.49 23.95
N ILE G 105 -7.81 12.03 23.33
CA ILE G 105 -6.47 12.49 23.74
C ILE G 105 -6.31 13.98 23.48
N ALA G 106 -6.86 14.45 22.35
CA ALA G 106 -6.79 15.89 22.07
C ALA G 106 -7.62 16.68 23.08
N TYR G 107 -8.84 16.21 23.37
CA TYR G 107 -9.67 16.91 24.34
C TYR G 107 -9.04 16.89 25.75
N ALA G 108 -8.51 15.74 26.18
CA ALA G 108 -7.91 15.65 27.50
C ALA G 108 -6.83 16.72 27.70
N ASP G 109 -6.04 16.98 26.65
CA ASP G 109 -5.04 18.02 26.72
C ASP G 109 -5.64 19.42 26.87
N SER G 110 -6.79 19.68 26.22
CA SER G 110 -7.39 21.01 26.30
C SER G 110 -7.92 21.33 27.69
N VAL G 111 -8.30 20.31 28.47
CA VAL G 111 -8.79 20.52 29.84
C VAL G 111 -7.75 20.14 30.89
N HIS G 112 -6.50 19.86 30.48
CA HIS G 112 -5.37 19.65 31.39
C HIS G 112 -5.48 18.37 32.21
N ASP G 113 -6.22 17.37 31.76
CA ASP G 113 -6.21 16.07 32.44
C ASP G 113 -5.10 15.25 31.79
N TYR G 114 -3.87 15.56 32.20
CA TYR G 114 -2.70 14.96 31.58
C TYR G 114 -2.52 13.49 31.97
N VAL G 115 -2.98 13.11 33.15
CA VAL G 115 -2.86 11.71 33.53
C VAL G 115 -3.82 10.86 32.71
N SER G 116 -5.07 11.32 32.53
CA SER G 116 -5.96 10.57 31.64
C SER G 116 -5.38 10.50 30.23
N ARG G 117 -4.75 11.59 29.79
CA ARG G 117 -4.16 11.60 28.45
C ARG G 117 -3.05 10.56 28.34
N ASP G 118 -2.16 10.53 29.33
CA ASP G 118 -1.05 9.61 29.30
C ASP G 118 -1.52 8.16 29.28
N MET G 119 -2.53 7.84 30.09
CA MET G 119 -3.14 6.51 30.07
C MET G 119 -3.65 6.15 28.67
N MET G 120 -4.25 7.12 27.99
CA MET G 120 -4.87 6.86 26.70
C MET G 120 -3.81 6.71 25.61
N ILE G 121 -2.73 7.48 25.71
CA ILE G 121 -1.64 7.33 24.73
C ILE G 121 -1.03 5.93 24.83
N GLU G 122 -0.84 5.43 26.05
CA GLU G 122 -0.32 4.07 26.21
C GLU G 122 -1.28 3.03 25.64
N ILE G 123 -2.59 3.18 25.87
CA ILE G 123 -3.58 2.29 25.26
C ILE G 123 -3.55 2.41 23.74
N LEU G 124 -3.41 3.63 23.22
CA LEU G 124 -3.33 3.79 21.76
C LEU G 124 -2.12 3.06 21.18
N ALA G 125 -0.98 3.08 21.88
CA ALA G 125 0.18 2.34 21.42
C ALA G 125 -0.12 0.84 21.37
N ASP G 126 -0.86 0.32 22.37
CA ASP G 126 -1.23 -1.09 22.35
C ASP G 126 -2.12 -1.42 21.16
N GLU G 127 -3.10 -0.56 20.88
CA GLU G 127 -4.03 -0.85 19.79
C GLU G 127 -3.35 -0.73 18.43
N GLU G 128 -2.36 0.17 18.27
CA GLU G 128 -1.62 0.20 17.01
C GLU G 128 -0.73 -1.04 16.85
N GLY G 129 -0.35 -1.67 17.97
CA GLY G 129 0.29 -2.97 17.90
C GLY G 129 -0.65 -4.07 17.44
N HIS G 130 -1.91 -4.07 17.92
CA HIS G 130 -2.90 -5.01 17.39
C HIS G 130 -3.14 -4.78 15.90
N ILE G 131 -3.26 -3.51 15.51
CA ILE G 131 -3.48 -3.18 14.11
C ILE G 131 -2.34 -3.72 13.25
N ASP G 132 -1.10 -3.54 13.71
CA ASP G 132 0.04 -4.06 12.97
C ASP G 132 -0.06 -5.57 12.80
N TRP G 133 -0.39 -6.28 13.87
CA TRP G 133 -0.53 -7.73 13.76
C TRP G 133 -1.63 -8.10 12.77
N LEU G 134 -2.76 -7.41 12.83
CA LEU G 134 -3.91 -7.78 11.98
C LEU G 134 -3.62 -7.52 10.51
N GLU G 135 -3.04 -6.35 10.20
CA GLU G 135 -2.65 -6.04 8.83
C GLU G 135 -1.62 -7.05 8.32
N THR G 136 -0.69 -7.45 9.19
CA THR G 136 0.35 -8.37 8.76
C THR G 136 -0.23 -9.74 8.45
N GLU G 137 -1.10 -10.26 9.32
CA GLU G 137 -1.74 -11.55 9.03
C GLU G 137 -2.54 -11.49 7.73
N LEU G 138 -3.30 -10.40 7.53
CA LEU G 138 -4.11 -10.27 6.31
C LEU G 138 -3.23 -10.23 5.07
N ASP G 139 -2.10 -9.50 5.12
CA ASP G 139 -1.20 -9.50 3.98
C ASP G 139 -0.61 -10.89 3.73
N LEU G 140 -0.30 -11.63 4.80
CA LEU G 140 0.26 -12.96 4.62
C LEU G 140 -0.71 -13.87 3.88
N ILE G 141 -2.00 -13.77 4.20
CA ILE G 141 -2.99 -14.59 3.49
C ILE G 141 -2.84 -14.40 1.99
N GLY G 142 -2.66 -13.14 1.56
CA GLY G 142 -2.49 -12.89 0.14
C GLY G 142 -1.17 -13.42 -0.40
N LYS G 143 -0.10 -13.29 0.39
CA LYS G 143 1.24 -13.61 -0.12
C LYS G 143 1.46 -15.11 -0.23
N ILE G 144 1.05 -15.88 0.78
CA ILE G 144 1.32 -17.31 0.79
C ILE G 144 0.11 -18.14 0.42
N GLY G 145 -1.05 -17.53 0.25
CA GLY G 145 -2.25 -18.27 -0.11
C GLY G 145 -2.98 -18.81 1.11
N LEU G 146 -4.31 -18.94 0.96
CA LEU G 146 -5.15 -19.28 2.10
C LEU G 146 -4.86 -20.68 2.64
N GLN G 147 -4.62 -21.67 1.78
CA GLN G 147 -4.36 -23.03 2.28
C GLN G 147 -3.08 -23.08 3.10
N ASN G 148 -1.98 -22.48 2.61
CA ASN G 148 -0.74 -22.41 3.38
C ASN G 148 -0.93 -21.59 4.66
N TYR G 149 -1.66 -20.47 4.56
CA TYR G 149 -1.87 -19.63 5.71
C TYR G 149 -2.56 -20.40 6.83
N LEU G 150 -3.65 -21.09 6.51
CA LEU G 150 -4.38 -21.85 7.53
C LEU G 150 -3.52 -22.98 8.06
N GLN G 151 -2.78 -23.66 7.18
CA GLN G 151 -1.92 -24.74 7.63
C GLN G 151 -0.99 -24.29 8.74
N SER G 152 -0.38 -23.10 8.61
CA SER G 152 0.57 -22.75 9.65
C SER G 152 -0.07 -22.11 10.89
N GLN G 153 -1.39 -22.02 10.97
CA GLN G 153 -2.06 -21.69 12.22
C GLN G 153 -2.48 -22.93 13.02
N ILE G 154 -2.13 -24.14 12.57
CA ILE G 154 -2.60 -25.33 13.27
C ILE G 154 -1.85 -25.55 14.59
N LYS G 155 -0.51 -25.42 14.59
CA LYS G 155 0.34 -25.63 15.76
C LYS G 155 0.90 -24.32 16.32
N VAL G 156 1.28 -24.35 17.61
CA VAL G 156 1.28 -23.14 18.46
C VAL G 156 2.63 -22.49 18.68
N LYS G 157 2.58 -21.26 19.23
CA LYS G 157 3.41 -20.15 18.78
C LYS G 157 4.50 -19.76 19.79
N ASP G 158 5.74 -19.65 19.30
CA ASP G 158 6.81 -19.02 20.08
C ASP G 158 7.64 -18.07 19.19
N MET H 1 -51.54 -7.01 -14.45
CA MET H 1 -52.22 -8.22 -13.99
C MET H 1 -51.88 -8.47 -12.53
N LYS H 2 -52.84 -8.50 -11.61
CA LYS H 2 -52.42 -8.46 -10.23
C LYS H 2 -51.91 -9.81 -9.79
N GLY H 3 -50.73 -9.79 -9.19
CA GLY H 3 -50.07 -10.99 -8.73
C GLY H 3 -50.22 -11.25 -7.23
N ASP H 4 -49.84 -12.46 -6.85
CA ASP H 4 -49.85 -12.89 -5.46
C ASP H 4 -48.89 -12.02 -4.64
N VAL H 5 -49.36 -11.53 -3.49
CA VAL H 5 -48.55 -10.63 -2.66
C VAL H 5 -47.24 -11.30 -2.23
N LYS H 6 -47.32 -12.52 -1.72
CA LYS H 6 -46.09 -13.19 -1.29
C LYS H 6 -45.15 -13.44 -2.46
N ILE H 7 -45.69 -13.63 -3.68
CA ILE H 7 -44.85 -13.74 -4.87
C ILE H 7 -44.05 -12.46 -5.08
N ILE H 8 -44.67 -11.30 -4.90
CA ILE H 8 -43.94 -10.06 -5.09
C ILE H 8 -42.84 -9.91 -4.03
N ASN H 9 -43.11 -10.35 -2.79
CA ASN H 9 -42.05 -10.29 -1.76
C ASN H 9 -40.89 -11.20 -2.12
N TYR H 10 -41.17 -12.42 -2.59
CA TYR H 10 -40.09 -13.31 -3.01
C TYR H 10 -39.29 -12.69 -4.15
N LEU H 11 -39.97 -12.08 -5.11
CA LEU H 11 -39.29 -11.44 -6.24
C LEU H 11 -38.38 -10.32 -5.75
N ASN H 12 -38.86 -9.51 -4.79
CA ASN H 12 -38.02 -8.44 -4.25
C ASN H 12 -36.83 -8.98 -3.46
N LYS H 13 -37.02 -10.05 -2.69
CA LYS H 13 -35.88 -10.70 -2.03
C LYS H 13 -34.82 -11.13 -3.05
N LEU H 14 -35.24 -11.93 -4.03
CA LEU H 14 -34.36 -12.37 -5.11
C LEU H 14 -33.72 -11.18 -5.83
N LEU H 15 -34.47 -10.11 -6.05
CA LEU H 15 -33.89 -8.91 -6.66
C LEU H 15 -32.80 -8.33 -5.77
N GLY H 16 -33.04 -8.30 -4.46
CA GLY H 16 -32.00 -7.87 -3.52
C GLY H 16 -30.73 -8.68 -3.66
N ASN H 17 -30.85 -10.01 -3.82
CA ASN H 17 -29.67 -10.84 -4.01
C ASN H 17 -28.88 -10.41 -5.24
N GLU H 18 -29.58 -10.16 -6.36
CA GLU H 18 -28.87 -9.79 -7.58
C GLU H 18 -28.21 -8.43 -7.43
N LEU H 19 -28.83 -7.51 -6.69
CA LEU H 19 -28.25 -6.17 -6.55
C LEU H 19 -26.91 -6.22 -5.81
N VAL H 20 -26.76 -7.09 -4.79
CA VAL H 20 -25.45 -7.15 -4.16
C VAL H 20 -24.43 -7.82 -5.07
N ALA H 21 -24.84 -8.88 -5.78
CA ALA H 21 -23.92 -9.58 -6.66
C ALA H 21 -23.46 -8.71 -7.83
N ILE H 22 -24.34 -7.82 -8.32
CA ILE H 22 -23.91 -6.86 -9.35
C ILE H 22 -22.71 -6.05 -8.85
N ASN H 23 -22.84 -5.49 -7.65
CA ASN H 23 -21.79 -4.63 -7.12
C ASN H 23 -20.55 -5.43 -6.76
N GLN H 24 -20.73 -6.58 -6.13
CA GLN H 24 -19.58 -7.38 -5.71
C GLN H 24 -18.77 -7.85 -6.92
N TYR H 25 -19.45 -8.35 -7.96
CA TYR H 25 -18.72 -8.83 -9.15
C TYR H 25 -18.03 -7.69 -9.87
N PHE H 26 -18.67 -6.52 -9.89
CA PHE H 26 -18.14 -5.34 -10.55
C PHE H 26 -16.82 -4.91 -9.92
N LEU H 27 -16.83 -4.69 -8.60
CA LEU H 27 -15.62 -4.29 -7.89
C LEU H 27 -14.54 -5.35 -7.98
N HIS H 28 -14.91 -6.61 -7.78
CA HIS H 28 -13.93 -7.69 -7.95
C HIS H 28 -13.30 -7.65 -9.33
N ALA H 29 -14.09 -7.42 -10.37
CA ALA H 29 -13.54 -7.36 -11.72
C ALA H 29 -12.46 -6.29 -11.83
N ARG H 30 -12.76 -5.09 -11.35
CA ARG H 30 -11.81 -4.00 -11.46
C ARG H 30 -10.63 -4.12 -10.51
N MET H 31 -10.78 -4.85 -9.40
CA MET H 31 -9.64 -5.20 -8.57
C MET H 31 -8.69 -6.13 -9.32
N PHE H 32 -9.25 -7.14 -9.98
CA PHE H 32 -8.46 -8.01 -10.85
C PHE H 32 -7.77 -7.22 -11.95
N LYS H 33 -8.48 -6.26 -12.54
CA LYS H 33 -7.90 -5.44 -13.60
C LYS H 33 -6.76 -4.59 -13.06
N ASN H 34 -6.97 -3.99 -11.90
CA ASN H 34 -5.91 -3.21 -11.28
C ASN H 34 -4.67 -4.06 -11.03
N TRP H 35 -4.86 -5.34 -10.73
CA TRP H 35 -3.71 -6.21 -10.49
C TRP H 35 -3.13 -6.81 -11.76
N GLY H 36 -3.69 -6.51 -12.94
CA GLY H 36 -3.17 -7.08 -14.18
C GLY H 36 -3.65 -8.48 -14.52
N LEU H 37 -4.71 -8.96 -13.88
CA LEU H 37 -5.24 -10.30 -14.13
C LEU H 37 -6.44 -10.16 -15.06
N MET H 38 -6.16 -9.90 -16.34
CA MET H 38 -7.22 -9.48 -17.25
C MET H 38 -8.22 -10.60 -17.55
N ARG H 39 -7.80 -11.86 -17.45
CA ARG H 39 -8.74 -12.95 -17.67
C ARG H 39 -9.81 -13.01 -16.58
N LEU H 40 -9.44 -12.64 -15.34
CA LEU H 40 -10.41 -12.63 -14.26
C LEU H 40 -11.29 -11.39 -14.31
N ASN H 41 -10.71 -10.24 -14.68
CA ASN H 41 -11.51 -9.06 -14.98
C ASN H 41 -12.61 -9.39 -16.00
N ASP H 42 -12.24 -10.05 -17.10
CA ASP H 42 -13.21 -10.34 -18.16
C ASP H 42 -14.34 -11.22 -17.65
N VAL H 43 -14.00 -12.32 -16.99
CA VAL H 43 -15.02 -13.26 -16.53
C VAL H 43 -15.89 -12.61 -15.46
N GLU H 44 -15.28 -11.91 -14.49
CA GLU H 44 -16.07 -11.37 -13.38
C GLU H 44 -16.93 -10.19 -13.84
N TYR H 45 -16.40 -9.35 -14.71
CA TYR H 45 -17.22 -8.27 -15.27
C TYR H 45 -18.42 -8.84 -16.00
N HIS H 46 -18.22 -9.93 -16.73
CA HIS H 46 -19.31 -10.54 -17.47
C HIS H 46 -20.37 -11.11 -16.53
N GLU H 47 -19.95 -11.66 -15.38
CA GLU H 47 -20.95 -12.16 -14.44
C GLU H 47 -21.71 -11.03 -13.78
N SER H 48 -21.05 -9.89 -13.57
CA SER H 48 -21.75 -8.68 -13.13
C SER H 48 -22.86 -8.28 -14.10
N ILE H 49 -22.56 -8.30 -15.41
CA ILE H 49 -23.56 -8.00 -16.44
C ILE H 49 -24.69 -9.02 -16.41
N ASP H 50 -24.35 -10.29 -16.18
CA ASP H 50 -25.38 -11.33 -16.08
C ASP H 50 -26.32 -11.08 -14.91
N GLU H 51 -25.79 -10.76 -13.73
CA GLU H 51 -26.67 -10.49 -12.61
C GLU H 51 -27.52 -9.25 -12.87
N HIS H 52 -27.01 -8.30 -13.65
CA HIS H 52 -27.81 -7.16 -14.06
C HIS H 52 -28.97 -7.58 -14.96
N LYS H 53 -28.76 -8.55 -15.85
CA LYS H 53 -29.85 -9.06 -16.66
C LYS H 53 -30.91 -9.76 -15.80
N HIS H 54 -30.49 -10.55 -14.81
CA HIS H 54 -31.44 -11.15 -13.88
C HIS H 54 -32.23 -10.09 -13.11
N ALA H 55 -31.54 -9.06 -12.60
CA ALA H 55 -32.24 -8.00 -11.90
C ALA H 55 -33.29 -7.35 -12.79
N ASP H 56 -32.94 -7.11 -14.07
CA ASP H 56 -33.89 -6.57 -15.02
C ASP H 56 -35.15 -7.44 -15.12
N LYS H 57 -34.96 -8.77 -15.17
CA LYS H 57 -36.10 -9.68 -15.26
C LYS H 57 -37.02 -9.55 -14.03
N TYR H 58 -36.42 -9.54 -12.85
CA TYR H 58 -37.18 -9.33 -11.62
C TYR H 58 -37.94 -8.00 -11.65
N ILE H 59 -37.26 -6.91 -12.00
CA ILE H 59 -37.89 -5.60 -11.99
C ILE H 59 -39.08 -5.58 -12.93
N GLU H 60 -38.90 -6.10 -14.14
CA GLU H 60 -40.00 -6.08 -15.11
C GLU H 60 -41.15 -6.98 -14.68
N ARG H 61 -40.85 -8.15 -14.12
CA ARG H 61 -41.90 -9.06 -13.64
C ARG H 61 -42.67 -8.46 -12.47
N ILE H 62 -41.96 -7.78 -11.56
CA ILE H 62 -42.62 -7.14 -10.43
C ILE H 62 -43.56 -6.05 -10.91
N LEU H 63 -43.09 -5.19 -11.84
CA LEU H 63 -43.97 -4.15 -12.37
C LEU H 63 -45.15 -4.73 -13.14
N PHE H 64 -44.92 -5.79 -13.93
CA PHE H 64 -46.06 -6.45 -14.59
C PHE H 64 -47.09 -6.90 -13.57
N LEU H 65 -46.65 -7.50 -12.47
CA LEU H 65 -47.55 -7.99 -11.43
C LEU H 65 -48.05 -6.87 -10.52
N GLU H 66 -47.78 -5.61 -10.85
CA GLU H 66 -48.30 -4.43 -10.17
C GLU H 66 -47.76 -4.30 -8.75
N GLY H 67 -46.55 -4.78 -8.52
CA GLY H 67 -45.84 -4.52 -7.29
C GLY H 67 -44.81 -3.41 -7.46
N ILE H 68 -44.08 -3.17 -6.37
CA ILE H 68 -43.11 -2.08 -6.32
C ILE H 68 -41.71 -2.67 -6.18
N PRO H 69 -40.87 -2.61 -7.21
CA PRO H 69 -39.49 -3.11 -7.07
C PRO H 69 -38.72 -2.28 -6.04
N ASN H 70 -37.91 -2.96 -5.23
CA ASN H 70 -37.12 -2.33 -4.17
C ASN H 70 -35.66 -2.34 -4.59
N LEU H 71 -35.14 -1.18 -4.99
CA LEU H 71 -33.73 -1.05 -5.33
C LEU H 71 -32.97 -0.25 -4.26
N GLN H 72 -33.62 0.00 -3.12
CA GLN H 72 -33.05 0.85 -2.08
C GLN H 72 -32.24 0.07 -1.06
N ASP H 73 -32.75 -1.08 -0.61
CA ASP H 73 -32.10 -1.85 0.44
C ASP H 73 -31.01 -2.72 -0.20
N LEU H 74 -29.77 -2.49 0.20
CA LEU H 74 -28.62 -3.18 -0.37
C LEU H 74 -28.00 -4.02 0.72
N GLY H 75 -28.00 -5.34 0.53
CA GLY H 75 -27.45 -6.26 1.49
C GLY H 75 -25.95 -6.14 1.61
N LYS H 76 -25.40 -7.04 2.42
CA LYS H 76 -24.03 -6.94 2.88
C LYS H 76 -23.06 -7.55 1.86
N LEU H 77 -22.18 -6.71 1.32
CA LEU H 77 -21.14 -7.14 0.40
C LEU H 77 -19.99 -7.78 1.17
N GLY H 78 -19.36 -8.76 0.54
CA GLY H 78 -18.16 -9.31 1.12
C GLY H 78 -17.01 -9.18 0.13
N ILE H 79 -16.20 -8.13 0.24
CA ILE H 79 -15.29 -7.85 -0.87
C ILE H 79 -14.04 -8.74 -0.81
N GLY H 80 -13.32 -8.73 0.31
CA GLY H 80 -12.10 -9.50 0.39
C GLY H 80 -10.90 -8.80 -0.22
N GLU H 81 -9.71 -9.31 0.10
CA GLU H 81 -8.47 -8.63 -0.22
C GLU H 81 -7.59 -9.38 -1.20
N ASP H 82 -7.89 -10.64 -1.50
CA ASP H 82 -7.03 -11.43 -2.36
C ASP H 82 -7.91 -12.41 -3.13
N VAL H 83 -7.30 -13.00 -4.17
CA VAL H 83 -8.06 -13.71 -5.19
C VAL H 83 -8.91 -14.80 -4.56
N GLU H 84 -8.31 -15.57 -3.67
CA GLU H 84 -8.97 -16.78 -3.18
C GLU H 84 -10.13 -16.41 -2.25
N GLU H 85 -9.98 -15.34 -1.47
CA GLU H 85 -11.10 -14.88 -0.64
C GLU H 85 -12.21 -14.27 -1.49
N MET H 86 -11.83 -13.55 -2.55
CA MET H 86 -12.83 -12.93 -3.41
C MET H 86 -13.68 -13.98 -4.10
N LEU H 87 -13.03 -15.04 -4.61
CA LEU H 87 -13.79 -16.11 -5.23
C LEU H 87 -14.65 -16.82 -4.21
N GLN H 88 -14.11 -17.10 -3.03
CA GLN H 88 -14.92 -17.78 -2.02
C GLN H 88 -16.06 -16.92 -1.49
N SER H 89 -15.88 -15.60 -1.37
CA SER H 89 -17.02 -14.76 -1.06
C SER H 89 -18.09 -14.86 -2.15
N ASP H 90 -17.68 -14.79 -3.41
CA ASP H 90 -18.63 -14.93 -4.52
C ASP H 90 -19.35 -16.27 -4.47
N LEU H 91 -18.63 -17.34 -4.09
CA LEU H 91 -19.26 -18.65 -4.01
C LEU H 91 -20.29 -18.70 -2.89
N ALA H 92 -19.98 -18.11 -1.72
CA ALA H 92 -20.96 -18.12 -0.64
C ALA H 92 -22.22 -17.37 -1.04
N LEU H 93 -22.07 -16.20 -1.67
CA LEU H 93 -23.21 -15.40 -2.11
C LEU H 93 -24.09 -16.19 -3.07
N GLU H 94 -23.47 -16.88 -4.05
CA GLU H 94 -24.26 -17.62 -5.04
C GLU H 94 -25.04 -18.77 -4.38
N LEU H 95 -24.43 -19.48 -3.41
CA LEU H 95 -25.14 -20.59 -2.78
C LEU H 95 -26.31 -20.08 -1.93
N GLU H 96 -26.13 -18.95 -1.26
CA GLU H 96 -27.25 -18.34 -0.54
C GLU H 96 -28.38 -17.97 -1.49
N GLY H 97 -28.04 -17.38 -2.64
CA GLY H 97 -29.07 -17.01 -3.61
C GLY H 97 -29.76 -18.23 -4.21
N ALA H 98 -29.02 -19.33 -4.39
CA ALA H 98 -29.63 -20.53 -4.93
C ALA H 98 -30.62 -21.12 -3.91
N ASP H 99 -30.28 -21.00 -2.63
CA ASP H 99 -31.18 -21.34 -1.53
C ASP H 99 -32.50 -20.57 -1.64
N ASP H 100 -32.43 -19.24 -1.72
CA ASP H 100 -33.64 -18.43 -1.82
C ASP H 100 -34.43 -18.76 -3.07
N LEU H 101 -33.73 -18.97 -4.20
CA LEU H 101 -34.42 -19.33 -5.42
C LEU H 101 -35.22 -20.62 -5.23
N ARG H 102 -34.61 -21.64 -4.60
CA ARG H 102 -35.30 -22.92 -4.48
C ARG H 102 -36.59 -22.77 -3.69
N GLU H 103 -36.57 -21.92 -2.66
CA GLU H 103 -37.76 -21.64 -1.86
C GLU H 103 -38.82 -20.90 -2.68
N ALA H 104 -38.41 -19.88 -3.45
CA ALA H 104 -39.39 -19.11 -4.23
C ALA H 104 -40.02 -19.97 -5.32
N ILE H 105 -39.24 -20.85 -5.94
CA ILE H 105 -39.75 -21.67 -7.03
C ILE H 105 -40.81 -22.63 -6.50
N ALA H 106 -40.58 -23.21 -5.32
CA ALA H 106 -41.56 -24.10 -4.72
C ALA H 106 -42.84 -23.35 -4.36
N TYR H 107 -42.71 -22.14 -3.82
CA TYR H 107 -43.89 -21.37 -3.49
C TYR H 107 -44.65 -20.96 -4.76
N ALA H 108 -43.95 -20.51 -5.82
CA ALA H 108 -44.65 -20.09 -7.05
C ALA H 108 -45.51 -21.22 -7.61
N ASP H 109 -45.05 -22.46 -7.48
CA ASP H 109 -45.83 -23.60 -7.94
C ASP H 109 -47.12 -23.77 -7.14
N SER H 110 -47.09 -23.47 -5.84
CA SER H 110 -48.26 -23.70 -4.98
C SER H 110 -49.39 -22.71 -5.26
N VAL H 111 -49.05 -21.46 -5.61
CA VAL H 111 -50.07 -20.47 -5.96
C VAL H 111 -50.28 -20.37 -7.48
N HIS H 112 -49.71 -21.30 -8.25
CA HIS H 112 -49.95 -21.42 -9.71
C HIS H 112 -49.40 -20.24 -10.52
N ASP H 113 -48.33 -19.60 -10.05
CA ASP H 113 -47.63 -18.59 -10.86
C ASP H 113 -46.52 -19.28 -11.65
N TYR H 114 -46.95 -20.01 -12.68
CA TYR H 114 -46.04 -20.85 -13.43
C TYR H 114 -45.08 -20.06 -14.31
N VAL H 115 -45.45 -18.85 -14.69
CA VAL H 115 -44.53 -18.03 -15.49
C VAL H 115 -43.41 -17.47 -14.60
N SER H 116 -43.75 -16.96 -13.41
CA SER H 116 -42.69 -16.54 -12.49
C SER H 116 -41.79 -17.73 -12.14
N ARG H 117 -42.38 -18.90 -11.89
CA ARG H 117 -41.58 -20.08 -11.63
C ARG H 117 -40.63 -20.37 -12.79
N ASP H 118 -41.17 -20.37 -14.01
CA ASP H 118 -40.34 -20.69 -15.17
C ASP H 118 -39.17 -19.72 -15.31
N MET H 119 -39.41 -18.42 -15.09
CA MET H 119 -38.33 -17.45 -15.16
C MET H 119 -37.26 -17.71 -14.09
N MET H 120 -37.68 -18.05 -12.87
CA MET H 120 -36.73 -18.34 -11.79
C MET H 120 -35.94 -19.63 -12.02
N ILE H 121 -36.55 -20.64 -12.64
CA ILE H 121 -35.78 -21.86 -12.93
C ILE H 121 -34.65 -21.54 -13.90
N GLU H 122 -34.94 -20.73 -14.93
CA GLU H 122 -33.88 -20.34 -15.86
C GLU H 122 -32.80 -19.51 -15.18
N ILE H 123 -33.17 -18.62 -14.26
CA ILE H 123 -32.16 -17.88 -13.49
C ILE H 123 -31.37 -18.84 -12.61
N LEU H 124 -32.04 -19.79 -11.94
CA LEU H 124 -31.35 -20.77 -11.11
C LEU H 124 -30.37 -21.59 -11.92
N ALA H 125 -30.71 -21.92 -13.17
CA ALA H 125 -29.76 -22.62 -14.03
C ALA H 125 -28.53 -21.76 -14.30
N ASP H 126 -28.72 -20.47 -14.57
CA ASP H 126 -27.58 -19.56 -14.71
C ASP H 126 -26.71 -19.54 -13.45
N GLU H 127 -27.32 -19.37 -12.27
CA GLU H 127 -26.52 -19.32 -11.05
C GLU H 127 -25.78 -20.63 -10.79
N GLU H 128 -26.37 -21.78 -11.16
CA GLU H 128 -25.62 -23.01 -11.00
C GLU H 128 -24.44 -23.06 -11.97
N GLY H 129 -24.57 -22.40 -13.12
CA GLY H 129 -23.42 -22.23 -14.00
C GLY H 129 -22.33 -21.38 -13.38
N HIS H 130 -22.72 -20.31 -12.68
CA HIS H 130 -21.72 -19.49 -11.97
C HIS H 130 -21.05 -20.29 -10.87
N ILE H 131 -21.83 -21.09 -10.13
CA ILE H 131 -21.27 -21.87 -9.02
C ILE H 131 -20.25 -22.86 -9.54
N ASP H 132 -20.56 -23.50 -10.67
CA ASP H 132 -19.63 -24.44 -11.28
C ASP H 132 -18.30 -23.75 -11.62
N TRP H 133 -18.36 -22.58 -12.28
CA TRP H 133 -17.14 -21.85 -12.60
C TRP H 133 -16.33 -21.53 -11.34
N LEU H 134 -16.99 -21.05 -10.29
CA LEU H 134 -16.27 -20.66 -9.07
C LEU H 134 -15.62 -21.86 -8.39
N GLU H 135 -16.37 -22.96 -8.23
CA GLU H 135 -15.80 -24.17 -7.66
C GLU H 135 -14.62 -24.67 -8.49
N THR H 136 -14.77 -24.64 -9.83
CA THR H 136 -13.70 -25.12 -10.71
C THR H 136 -12.45 -24.28 -10.59
N GLU H 137 -12.57 -22.95 -10.58
CA GLU H 137 -11.42 -22.08 -10.38
C GLU H 137 -10.76 -22.33 -9.03
N LEU H 138 -11.55 -22.32 -7.95
CA LEU H 138 -11.00 -22.58 -6.62
C LEU H 138 -10.24 -23.89 -6.57
N ASP H 139 -10.77 -24.93 -7.25
CA ASP H 139 -10.05 -26.21 -7.27
C ASP H 139 -8.75 -26.12 -8.06
N LEU H 140 -8.74 -25.35 -9.15
CA LEU H 140 -7.52 -25.24 -9.94
C LEU H 140 -6.42 -24.59 -9.14
N ILE H 141 -6.75 -23.61 -8.29
CA ILE H 141 -5.73 -23.01 -7.44
C ILE H 141 -5.03 -24.09 -6.63
N GLY H 142 -5.78 -25.07 -6.13
CA GLY H 142 -5.17 -26.14 -5.37
C GLY H 142 -4.45 -27.14 -6.24
N LYS H 143 -4.88 -27.31 -7.49
CA LYS H 143 -4.26 -28.31 -8.35
C LYS H 143 -2.96 -27.80 -8.98
N ILE H 144 -2.86 -26.52 -9.35
CA ILE H 144 -1.69 -26.05 -10.07
C ILE H 144 -0.85 -25.06 -9.25
N GLY H 145 -1.30 -24.68 -8.06
CA GLY H 145 -0.54 -23.70 -7.30
C GLY H 145 -1.00 -22.28 -7.57
N LEU H 146 -0.91 -21.45 -6.54
CA LEU H 146 -1.32 -20.06 -6.66
C LEU H 146 -0.45 -19.29 -7.65
N GLN H 147 0.86 -19.53 -7.69
CA GLN H 147 1.67 -18.73 -8.60
C GLN H 147 1.36 -19.07 -10.05
N ASN H 148 1.17 -20.36 -10.37
CA ASN H 148 0.76 -20.74 -11.71
C ASN H 148 -0.65 -20.24 -12.01
N TYR H 149 -1.56 -20.34 -11.05
CA TYR H 149 -2.93 -19.90 -11.28
C TYR H 149 -2.97 -18.41 -11.64
N LEU H 150 -2.31 -17.58 -10.83
CA LEU H 150 -2.31 -16.15 -11.13
C LEU H 150 -1.65 -15.87 -12.48
N GLN H 151 -0.60 -16.64 -12.81
CA GLN H 151 0.09 -16.42 -14.08
C GLN H 151 -0.85 -16.61 -15.26
N SER H 152 -1.69 -17.64 -15.21
CA SER H 152 -2.52 -17.89 -16.37
C SER H 152 -3.79 -17.06 -16.40
N GLN H 153 -3.93 -16.09 -15.48
CA GLN H 153 -5.00 -15.10 -15.55
C GLN H 153 -4.53 -13.78 -16.15
N ILE H 154 -3.25 -13.67 -16.53
CA ILE H 154 -2.72 -12.40 -17.01
C ILE H 154 -3.28 -12.05 -18.40
N LYS H 155 -3.38 -13.02 -19.30
CA LYS H 155 -3.77 -12.82 -20.69
C LYS H 155 -5.11 -13.49 -21.00
N VAL H 156 -5.83 -12.94 -22.02
CA VAL H 156 -7.29 -12.99 -22.08
C VAL H 156 -7.87 -14.10 -22.95
N LYS H 157 -9.17 -14.33 -22.73
CA LYS H 157 -9.75 -15.67 -22.72
C LYS H 157 -10.55 -15.94 -24.00
N ASP H 158 -10.30 -17.11 -24.60
CA ASP H 158 -11.16 -17.59 -25.68
C ASP H 158 -11.44 -19.11 -25.55
#